data_1U3A
#
_entry.id   1U3A
#
_cell.length_a   46.956
_cell.length_b   82.282
_cell.length_c   113.910
_cell.angle_alpha   90.00
_cell.angle_beta   98.74
_cell.angle_gamma   90.00
#
_symmetry.space_group_name_H-M   'P 1 21 1'
#
loop_
_entity.id
_entity.type
_entity.pdbx_description
1 polymer 'Thiol: disulfide interchange protein dsbA'
2 non-polymer 3,6,9,12,15,18,21,24-OCTAOXAHEXACOSAN-1-OL
3 water water
#
_entity_poly.entity_id   1
_entity_poly.type   'polypeptide(L)'
_entity_poly.pdbx_seq_one_letter_code
;AQYEDGKQYTTLEKPVAGAPQVLEFFSFFCPHAYQFEEVLHISDNVKKKLPEGVKMTKYHVNFMGGDLGKDLTQAWAVAM
ALGVEDKVTVPLFEGVQKTQTIRSASDIRDVFINAGIKGEEYDAAWNSFVVKSLVAQQEKAAADVQLRGVPAMFVNGKYQ
LNPQGMDTSNMDVFVQQYADTVKYLSEKK
;
_entity_poly.pdbx_strand_id   A,B,D,E
#
loop_
_chem_comp.id
_chem_comp.type
_chem_comp.name
_chem_comp.formula
PE5 non-polymer 3,6,9,12,15,18,21,24-OCTAOXAHEXACOSAN-1-OL 'C18 H38 O9'
#
# COMPACT_ATOMS: atom_id res chain seq x y z
N GLN A 2 14.43 -43.55 -29.92
CA GLN A 2 14.55 -43.46 -28.43
C GLN A 2 14.38 -42.01 -27.96
N TYR A 3 14.30 -41.07 -28.91
CA TYR A 3 14.01 -39.68 -28.59
C TYR A 3 12.61 -39.16 -28.96
N GLU A 4 12.23 -39.17 -30.23
CA GLU A 4 10.80 -38.97 -30.64
C GLU A 4 10.23 -37.53 -30.57
N ASP A 5 9.98 -36.95 -31.75
CA ASP A 5 9.29 -35.68 -31.83
C ASP A 5 7.92 -35.75 -31.14
N GLY A 6 7.73 -34.85 -30.16
CA GLY A 6 6.53 -34.82 -29.36
C GLY A 6 6.74 -35.29 -27.95
N LYS A 7 7.87 -35.95 -27.67
CA LYS A 7 8.18 -36.34 -26.30
C LYS A 7 9.20 -35.41 -25.56
N GLN A 8 10.48 -35.49 -25.92
CA GLN A 8 11.45 -34.66 -25.18
C GLN A 8 11.93 -33.43 -25.95
N TYR A 9 11.35 -33.24 -27.15
CA TYR A 9 11.46 -32.02 -27.93
C TYR A 9 10.24 -31.89 -28.85
N THR A 10 10.08 -30.71 -29.44
CA THR A 10 9.12 -30.52 -30.52
C THR A 10 9.77 -29.75 -31.65
N THR A 11 9.16 -29.83 -32.81
CA THR A 11 9.71 -29.28 -34.01
C THR A 11 8.93 -28.04 -34.27
N LEU A 12 9.60 -26.93 -34.57
CA LEU A 12 8.88 -25.69 -34.91
C LEU A 12 8.41 -25.76 -36.37
N GLU A 13 7.17 -25.32 -36.61
CA GLU A 13 6.61 -25.09 -37.96
C GLU A 13 7.48 -24.23 -38.87
N LYS A 14 7.83 -23.02 -38.41
CA LYS A 14 8.82 -22.23 -39.10
C LYS A 14 10.16 -22.18 -38.34
N PRO A 15 11.12 -23.00 -38.78
CA PRO A 15 12.51 -22.92 -38.33
C PRO A 15 13.08 -21.51 -38.42
N VAL A 16 13.93 -21.15 -37.46
CA VAL A 16 14.51 -19.84 -37.43
C VAL A 16 15.90 -19.98 -38.06
N ALA A 17 16.08 -19.39 -39.23
CA ALA A 17 17.41 -19.43 -39.88
C ALA A 17 18.45 -18.51 -39.19
N GLY A 18 19.74 -18.88 -39.24
CA GLY A 18 20.82 -18.15 -38.57
C GLY A 18 20.78 -18.20 -37.04
N ALA A 19 19.87 -19.02 -36.48
CA ALA A 19 19.77 -19.17 -35.00
C ALA A 19 21.02 -19.80 -34.38
N PRO A 20 21.36 -19.42 -33.15
CA PRO A 20 22.45 -20.10 -32.41
C PRO A 20 22.22 -21.59 -32.39
N GLN A 21 23.29 -22.39 -32.30
CA GLN A 21 23.12 -23.83 -32.21
C GLN A 21 22.28 -24.25 -31.01
N VAL A 22 22.58 -23.71 -29.84
CA VAL A 22 21.79 -23.92 -28.63
C VAL A 22 21.43 -22.53 -28.01
N LEU A 23 20.13 -22.25 -27.96
CA LEU A 23 19.61 -20.95 -27.44
C LEU A 23 18.68 -21.20 -26.27
N GLU A 24 19.02 -20.61 -25.15
CA GLU A 24 18.24 -20.57 -23.95
C GLU A 24 17.65 -19.17 -23.78
N PHE A 25 16.37 -19.07 -23.43
CA PHE A 25 15.79 -17.78 -23.13
C PHE A 25 15.53 -17.75 -21.65
N PHE A 26 15.73 -16.59 -21.05
CA PHE A 26 15.41 -16.40 -19.62
C PHE A 26 14.90 -14.98 -19.41
N SER A 27 14.39 -14.72 -18.21
CA SER A 27 14.06 -13.35 -17.83
C SER A 27 14.55 -13.11 -16.42
N PHE A 28 15.07 -11.92 -16.14
CA PHE A 28 15.43 -11.65 -14.72
C PHE A 28 14.21 -11.53 -13.79
N PHE A 29 13.02 -11.42 -14.37
CA PHE A 29 11.82 -11.18 -13.55
C PHE A 29 11.09 -12.48 -13.20
N CYS A 30 11.38 -13.58 -13.90
CA CYS A 30 10.60 -14.80 -13.76
C CYS A 30 11.46 -15.97 -14.22
N PRO A 31 11.50 -17.11 -13.47
CA PRO A 31 10.78 -17.34 -12.22
C PRO A 31 11.32 -16.56 -11.01
N HIS A 32 10.65 -16.72 -9.86
CA HIS A 32 11.09 -15.97 -8.67
C HIS A 32 12.23 -16.69 -7.97
N ALA A 33 12.75 -16.10 -6.89
CA ALA A 33 14.09 -16.42 -6.38
C ALA A 33 14.52 -17.87 -6.24
N TYR A 34 13.77 -18.71 -5.51
CA TYR A 34 14.15 -20.11 -5.35
C TYR A 34 14.20 -20.85 -6.71
N GLN A 35 13.12 -20.73 -7.49
CA GLN A 35 13.02 -21.42 -8.76
C GLN A 35 13.97 -20.86 -9.83
N PHE A 36 14.29 -19.58 -9.72
CA PHE A 36 15.22 -19.01 -10.70
C PHE A 36 16.62 -19.61 -10.44
N GLU A 37 17.03 -19.70 -9.19
CA GLU A 37 18.35 -20.26 -8.83
C GLU A 37 18.42 -21.72 -9.18
N GLU A 38 17.32 -22.44 -8.96
CA GLU A 38 17.28 -23.83 -9.30
C GLU A 38 17.52 -24.06 -10.78
N VAL A 39 16.84 -23.30 -11.63
CA VAL A 39 16.97 -23.36 -13.07
C VAL A 39 18.39 -22.90 -13.58
N LEU A 40 18.94 -21.89 -12.93
CA LEU A 40 20.29 -21.45 -13.23
C LEU A 40 21.34 -22.56 -12.91
N HIS A 41 21.23 -23.20 -11.73
CA HIS A 41 22.06 -24.39 -11.41
C HIS A 41 21.87 -25.51 -12.44
N ILE A 42 20.64 -25.79 -12.87
CA ILE A 42 20.36 -26.85 -13.87
C ILE A 42 20.97 -26.54 -15.23
N SER A 43 20.81 -25.28 -15.63
CA SER A 43 21.35 -24.79 -16.88
C SER A 43 22.87 -24.92 -16.94
N ASP A 44 23.53 -24.54 -15.84
CA ASP A 44 25.00 -24.63 -15.64
C ASP A 44 25.43 -26.09 -15.75
N ASN A 45 24.67 -26.97 -15.10
CA ASN A 45 24.91 -28.41 -15.19
C ASN A 45 24.64 -28.99 -16.60
N VAL A 46 23.67 -28.44 -17.31
CA VAL A 46 23.47 -28.91 -18.69
C VAL A 46 24.66 -28.48 -19.58
N LYS A 47 25.03 -27.20 -19.45
CA LYS A 47 26.13 -26.57 -20.18
C LYS A 47 27.42 -27.40 -20.00
N LYS A 48 27.76 -27.68 -18.72
CA LYS A 48 28.95 -28.48 -18.36
C LYS A 48 29.02 -29.79 -19.10
N LYS A 49 27.85 -30.34 -19.50
CA LYS A 49 27.73 -31.65 -20.17
C LYS A 49 27.52 -31.58 -21.68
N LEU A 50 27.67 -30.40 -22.27
CA LEU A 50 27.51 -30.26 -23.72
C LEU A 50 28.82 -30.64 -24.44
N PRO A 51 28.69 -31.25 -25.62
CA PRO A 51 29.81 -31.49 -26.52
C PRO A 51 30.77 -30.35 -26.76
N GLU A 52 31.90 -30.75 -27.33
CA GLU A 52 33.05 -29.90 -27.64
C GLU A 52 32.76 -28.47 -28.08
N GLY A 53 32.49 -28.26 -29.36
CA GLY A 53 32.43 -26.88 -29.89
C GLY A 53 31.04 -26.28 -29.88
N VAL A 54 30.17 -26.86 -29.03
CA VAL A 54 28.76 -26.49 -28.95
C VAL A 54 28.58 -25.41 -27.90
N LYS A 55 28.17 -24.22 -28.33
CA LYS A 55 27.98 -23.09 -27.42
C LYS A 55 26.51 -22.98 -26.99
N MET A 56 26.30 -22.72 -25.70
CA MET A 56 25.01 -22.28 -25.16
C MET A 56 24.93 -20.76 -25.22
N THR A 57 24.11 -20.26 -26.14
CA THR A 57 23.71 -18.85 -26.13
C THR A 57 22.46 -18.67 -25.25
N LYS A 58 22.42 -17.55 -24.54
CA LYS A 58 21.36 -17.18 -23.64
C LYS A 58 20.91 -15.74 -24.01
N TYR A 59 19.62 -15.61 -24.25
CA TYR A 59 18.95 -14.32 -24.56
C TYR A 59 17.98 -13.95 -23.47
N HIS A 60 17.91 -12.66 -23.16
CA HIS A 60 16.98 -12.15 -22.16
C HIS A 60 15.64 -11.81 -22.86
N VAL A 61 14.56 -12.04 -22.15
CA VAL A 61 13.19 -11.72 -22.61
C VAL A 61 12.50 -10.83 -21.55
N ASN A 62 11.86 -9.76 -22.00
CA ASN A 62 11.07 -8.90 -21.12
C ASN A 62 9.58 -9.29 -21.23
N PHE A 63 9.11 -10.21 -20.40
CA PHE A 63 7.68 -10.40 -20.18
C PHE A 63 7.32 -9.44 -19.03
N MET A 64 6.45 -8.48 -19.35
CA MET A 64 5.84 -7.54 -18.36
C MET A 64 6.75 -6.63 -17.51
N GLY A 65 8.01 -6.46 -17.90
CA GLY A 65 8.89 -5.60 -17.10
C GLY A 65 8.98 -4.11 -17.47
N GLY A 66 8.21 -3.68 -18.47
CA GLY A 66 8.12 -2.26 -18.84
C GLY A 66 9.50 -1.72 -19.22
N ASP A 67 9.78 -0.46 -18.85
CA ASP A 67 11.06 0.18 -19.16
C ASP A 67 12.29 -0.52 -18.54
N LEU A 68 12.18 -1.01 -17.30
CA LEU A 68 13.27 -1.71 -16.64
C LEU A 68 13.61 -2.98 -17.40
N GLY A 69 12.60 -3.73 -17.84
CA GLY A 69 12.83 -4.97 -18.61
C GLY A 69 13.61 -4.69 -19.91
N LYS A 70 13.26 -3.60 -20.60
CA LYS A 70 13.92 -3.23 -21.85
C LYS A 70 15.36 -2.87 -21.59
N ASP A 71 15.61 -2.08 -20.56
CA ASP A 71 16.99 -1.77 -20.17
C ASP A 71 17.81 -2.99 -19.81
N LEU A 72 17.17 -3.96 -19.12
CA LEU A 72 17.82 -5.25 -18.84
C LEU A 72 18.15 -6.07 -20.11
N THR A 73 17.26 -6.10 -21.09
CA THR A 73 17.64 -6.75 -22.38
C THR A 73 18.83 -6.01 -22.94
N GLN A 74 18.86 -4.71 -22.85
CA GLN A 74 20.01 -3.97 -23.45
C GLN A 74 21.25 -4.17 -22.60
N ALA A 75 21.10 -4.19 -21.29
CA ALA A 75 22.29 -4.52 -20.45
C ALA A 75 22.77 -5.97 -20.77
N TRP A 76 21.85 -6.89 -21.01
CA TRP A 76 22.27 -8.23 -21.31
C TRP A 76 22.96 -8.28 -22.67
N ALA A 77 22.55 -7.41 -23.62
CA ALA A 77 23.26 -7.32 -24.88
C ALA A 77 24.67 -6.78 -24.60
N VAL A 78 24.77 -5.80 -23.69
CA VAL A 78 26.10 -5.37 -23.26
C VAL A 78 26.94 -6.48 -22.62
N ALA A 79 26.33 -7.25 -21.71
CA ALA A 79 27.05 -8.42 -21.12
C ALA A 79 27.59 -9.31 -22.20
N MET A 80 26.74 -9.69 -23.16
CA MET A 80 27.13 -10.55 -24.26
C MET A 80 28.28 -9.97 -25.10
N ALA A 81 28.17 -8.69 -25.45
CA ALA A 81 29.17 -8.00 -26.26
C ALA A 81 30.52 -7.94 -25.52
N LEU A 82 30.49 -7.62 -24.24
CA LEU A 82 31.73 -7.54 -23.43
C LEU A 82 32.27 -8.90 -22.97
N GLY A 83 31.43 -9.94 -23.08
CA GLY A 83 31.81 -11.30 -22.68
C GLY A 83 31.81 -11.46 -21.16
N VAL A 84 30.95 -10.72 -20.45
CA VAL A 84 30.91 -10.74 -18.98
C VAL A 84 29.61 -11.33 -18.35
N GLU A 85 28.92 -12.18 -19.12
CA GLU A 85 27.66 -12.81 -18.64
C GLU A 85 27.87 -13.48 -17.27
N ASP A 86 28.98 -14.22 -17.12
CA ASP A 86 29.24 -14.99 -15.88
C ASP A 86 29.51 -14.10 -14.67
N LYS A 87 29.87 -12.85 -14.93
CA LYS A 87 30.09 -11.89 -13.88
C LYS A 87 28.84 -11.17 -13.41
N VAL A 88 27.85 -10.96 -14.29
CA VAL A 88 26.74 -10.04 -13.95
C VAL A 88 25.41 -10.77 -13.69
N THR A 89 25.34 -12.03 -14.10
CA THR A 89 24.07 -12.74 -14.01
C THR A 89 23.47 -12.75 -12.61
N VAL A 90 24.29 -13.20 -11.66
CA VAL A 90 23.85 -13.30 -10.25
C VAL A 90 23.60 -11.95 -9.59
N PRO A 91 24.50 -10.94 -9.71
CA PRO A 91 24.20 -9.62 -9.20
C PRO A 91 23.00 -8.93 -9.85
N LEU A 92 22.75 -9.14 -11.14
CA LEU A 92 21.53 -8.56 -11.74
C LEU A 92 20.30 -9.23 -11.14
N PHE A 93 20.32 -10.56 -11.10
CA PHE A 93 19.18 -11.34 -10.55
C PHE A 93 18.87 -10.94 -9.09
N GLU A 94 19.90 -10.77 -8.26
CA GLU A 94 19.65 -10.42 -6.89
C GLU A 94 19.27 -8.96 -6.68
N GLY A 95 19.87 -8.06 -7.44
CA GLY A 95 19.42 -6.68 -7.37
C GLY A 95 18.00 -6.44 -7.83
N VAL A 96 17.58 -7.21 -8.83
CA VAL A 96 16.20 -7.09 -9.31
C VAL A 96 15.24 -7.75 -8.32
N GLN A 97 15.52 -9.01 -7.96
CA GLN A 97 14.55 -9.80 -7.20
C GLN A 97 14.75 -9.78 -5.64
N LYS A 98 16.00 -9.70 -5.18
CA LYS A 98 16.33 -9.92 -3.74
C LYS A 98 16.46 -8.60 -3.02
N THR A 99 17.46 -7.81 -3.38
CA THR A 99 17.64 -6.57 -2.65
C THR A 99 16.70 -5.48 -3.17
N GLN A 100 16.08 -5.79 -4.33
CA GLN A 100 15.29 -4.83 -5.09
C GLN A 100 15.96 -3.47 -5.25
N THR A 101 17.30 -3.46 -5.33
CA THR A 101 18.05 -2.24 -5.55
C THR A 101 18.11 -1.88 -7.03
N ILE A 102 17.74 -2.79 -7.91
CA ILE A 102 17.76 -2.45 -9.35
C ILE A 102 16.39 -1.97 -9.81
N ARG A 103 16.27 -0.66 -10.04
CA ARG A 103 14.99 -0.05 -10.41
C ARG A 103 15.11 0.80 -11.66
N SER A 104 16.32 1.16 -12.05
CA SER A 104 16.55 2.05 -13.18
C SER A 104 17.77 1.58 -13.97
N ALA A 105 17.99 2.17 -15.13
CA ALA A 105 19.16 1.88 -15.95
C ALA A 105 20.47 2.12 -15.23
N SER A 106 20.53 3.17 -14.39
CA SER A 106 21.82 3.49 -13.80
C SER A 106 22.17 2.52 -12.66
N ASP A 107 21.16 2.01 -11.97
CA ASP A 107 21.32 0.87 -11.05
C ASP A 107 21.94 -0.32 -11.80
N ILE A 108 21.49 -0.60 -13.02
CA ILE A 108 22.13 -1.64 -13.84
C ILE A 108 23.58 -1.37 -14.13
N ARG A 109 23.87 -0.13 -14.57
CA ARG A 109 25.22 0.32 -14.85
C ARG A 109 26.07 0.03 -13.63
N ASP A 110 25.55 0.42 -12.47
CA ASP A 110 26.27 0.27 -11.19
C ASP A 110 26.71 -1.15 -10.92
N VAL A 111 25.82 -2.11 -11.14
CA VAL A 111 26.23 -3.54 -11.06
C VAL A 111 27.42 -3.94 -11.89
N PHE A 112 27.45 -3.55 -13.18
CA PHE A 112 28.54 -3.93 -14.08
C PHE A 112 29.91 -3.32 -13.63
N ILE A 113 29.89 -2.07 -13.20
CA ILE A 113 31.11 -1.44 -12.65
C ILE A 113 31.57 -2.15 -11.38
N ASN A 114 30.63 -2.43 -10.48
CA ASN A 114 30.95 -3.26 -9.33
C ASN A 114 31.57 -4.60 -9.71
N ALA A 115 31.11 -5.18 -10.80
CA ALA A 115 31.62 -6.43 -11.29
C ALA A 115 32.94 -6.25 -12.00
N GLY A 116 33.39 -5.00 -12.17
CA GLY A 116 34.72 -4.75 -12.71
C GLY A 116 34.75 -4.42 -14.18
N ILE A 117 33.64 -3.86 -14.71
CA ILE A 117 33.62 -3.35 -16.09
C ILE A 117 33.88 -1.86 -16.03
N LYS A 118 34.84 -1.39 -16.81
CA LYS A 118 35.12 0.04 -16.89
C LYS A 118 33.85 0.75 -17.36
N GLY A 119 33.43 1.79 -16.63
CA GLY A 119 32.22 2.54 -16.96
C GLY A 119 32.12 3.16 -18.36
N GLU A 120 33.23 3.68 -18.89
CA GLU A 120 33.24 4.28 -20.23
C GLU A 120 33.13 3.17 -21.28
N GLU A 121 33.78 2.04 -21.01
CA GLU A 121 33.63 0.85 -21.83
C GLU A 121 32.20 0.27 -21.79
N TYR A 122 31.45 0.54 -20.71
CA TYR A 122 30.09 0.03 -20.60
C TYR A 122 29.16 0.98 -21.33
N ASP A 123 29.41 2.27 -21.17
CA ASP A 123 28.66 3.30 -21.88
C ASP A 123 28.89 3.23 -23.41
N ALA A 124 30.12 2.92 -23.83
CA ALA A 124 30.44 2.71 -25.24
C ALA A 124 29.69 1.48 -25.77
N ALA A 125 29.69 0.39 -25.02
CA ALA A 125 28.94 -0.78 -25.45
C ALA A 125 27.43 -0.47 -25.47
N TRP A 126 26.88 0.18 -24.44
CA TRP A 126 25.49 0.55 -24.42
C TRP A 126 25.02 1.22 -25.71
N ASN A 127 25.82 2.19 -26.17
CA ASN A 127 25.48 2.98 -27.32
C ASN A 127 25.96 2.35 -28.67
N SER A 128 26.54 1.14 -28.64
CA SER A 128 27.17 0.61 -29.83
C SER A 128 26.15 0.06 -30.80
N PHE A 129 26.57 -0.01 -32.06
CA PHE A 129 25.85 -0.77 -33.10
C PHE A 129 25.65 -2.27 -32.77
N VAL A 130 26.71 -2.95 -32.31
CA VAL A 130 26.64 -4.36 -31.83
C VAL A 130 25.53 -4.58 -30.77
N VAL A 131 25.43 -3.67 -29.80
CA VAL A 131 24.38 -3.81 -28.76
C VAL A 131 22.95 -3.55 -29.33
N LYS A 132 22.83 -2.50 -30.14
CA LYS A 132 21.58 -2.21 -30.83
C LYS A 132 21.10 -3.41 -31.62
N SER A 133 22.02 -4.04 -32.33
CA SER A 133 21.74 -5.21 -33.11
C SER A 133 21.42 -6.41 -32.20
N LEU A 134 22.15 -6.56 -31.10
CA LEU A 134 21.89 -7.71 -30.22
C LEU A 134 20.52 -7.58 -29.53
N VAL A 135 20.13 -6.34 -29.21
CA VAL A 135 18.76 -6.13 -28.67
C VAL A 135 17.74 -6.58 -29.73
N ALA A 136 17.94 -6.15 -30.99
CA ALA A 136 17.00 -6.53 -32.04
C ALA A 136 16.97 -8.08 -32.15
N GLN A 137 18.14 -8.72 -32.09
CA GLN A 137 18.25 -10.17 -32.22
C GLN A 137 17.51 -10.95 -31.11
N GLN A 138 17.65 -10.47 -29.89
CA GLN A 138 17.00 -11.13 -28.76
C GLN A 138 15.48 -10.99 -28.92
N GLU A 139 14.99 -9.85 -29.39
CA GLU A 139 13.53 -9.59 -29.50
C GLU A 139 12.99 -10.36 -30.66
N LYS A 140 13.74 -10.40 -31.75
CA LYS A 140 13.31 -11.21 -32.91
C LYS A 140 13.33 -12.74 -32.70
N ALA A 141 14.38 -13.28 -32.11
CA ALA A 141 14.39 -14.68 -31.78
C ALA A 141 13.15 -15.12 -30.97
N ALA A 142 12.78 -14.33 -29.96
CA ALA A 142 11.68 -14.70 -29.07
C ALA A 142 10.37 -14.62 -29.88
N ALA A 143 10.21 -13.56 -30.66
CA ALA A 143 9.07 -13.49 -31.59
C ALA A 143 9.03 -14.64 -32.59
N ASP A 144 10.17 -15.11 -33.09
CA ASP A 144 10.16 -16.12 -34.15
C ASP A 144 9.84 -17.50 -33.60
N VAL A 145 10.16 -17.75 -32.33
CA VAL A 145 9.81 -19.02 -31.74
C VAL A 145 8.43 -18.96 -31.04
N GLN A 146 7.73 -17.83 -31.10
CA GLN A 146 6.47 -17.59 -30.39
C GLN A 146 6.63 -17.91 -28.91
N LEU A 147 7.61 -17.25 -28.30
CA LEU A 147 7.98 -17.65 -26.98
C LEU A 147 6.85 -17.26 -26.03
N ARG A 148 6.37 -18.23 -25.24
CA ARG A 148 5.29 -18.06 -24.23
C ARG A 148 5.75 -18.20 -22.76
N GLY A 149 6.94 -18.75 -22.52
CA GLY A 149 7.50 -18.75 -21.17
C GLY A 149 8.99 -19.05 -21.06
N VAL A 150 9.57 -18.71 -19.92
CA VAL A 150 10.97 -19.01 -19.68
C VAL A 150 11.05 -19.77 -18.30
N PRO A 151 12.04 -20.65 -18.11
CA PRO A 151 13.05 -21.00 -19.11
C PRO A 151 12.56 -21.74 -20.35
N ALA A 152 13.27 -21.51 -21.47
CA ALA A 152 13.10 -22.34 -22.66
C ALA A 152 14.43 -22.52 -23.39
N MET A 153 14.52 -23.63 -24.14
CA MET A 153 15.75 -23.92 -24.91
C MET A 153 15.40 -24.53 -26.27
N PHE A 154 16.15 -24.07 -27.28
CA PHE A 154 15.99 -24.41 -28.69
C PHE A 154 17.33 -24.79 -29.33
N VAL A 155 17.27 -25.76 -30.24
CA VAL A 155 18.49 -26.28 -30.87
C VAL A 155 18.35 -26.01 -32.36
N ASN A 156 19.36 -25.38 -32.94
CA ASN A 156 19.42 -25.05 -34.38
C ASN A 156 18.20 -24.31 -34.91
N GLY A 157 17.56 -23.57 -34.00
CA GLY A 157 16.28 -22.90 -34.27
C GLY A 157 15.21 -23.77 -34.87
N LYS A 158 15.27 -25.09 -34.65
CA LYS A 158 14.28 -26.05 -35.21
C LYS A 158 13.53 -26.83 -34.12
N TYR A 159 14.18 -27.06 -32.99
CA TYR A 159 13.67 -27.97 -32.02
C TYR A 159 13.55 -27.34 -30.63
N GLN A 160 12.39 -27.50 -30.00
CA GLN A 160 12.20 -27.02 -28.61
C GLN A 160 12.32 -28.13 -27.58
N LEU A 161 13.23 -27.97 -26.62
CA LEU A 161 13.32 -28.97 -25.56
C LEU A 161 12.02 -29.00 -24.78
N ASN A 162 11.61 -30.21 -24.41
CA ASN A 162 10.39 -30.45 -23.66
C ASN A 162 10.69 -31.14 -22.35
N PRO A 163 11.05 -30.38 -21.32
CA PRO A 163 11.44 -31.01 -20.06
C PRO A 163 10.37 -31.94 -19.50
N GLN A 164 9.09 -31.67 -19.80
CA GLN A 164 8.01 -32.47 -19.21
C GLN A 164 7.88 -33.79 -19.92
N GLY A 165 8.54 -33.88 -21.08
CA GLY A 165 8.62 -35.13 -21.85
C GLY A 165 9.77 -36.03 -21.42
N MET A 166 10.55 -35.57 -20.43
CA MET A 166 11.69 -36.34 -19.90
C MET A 166 11.40 -36.98 -18.52
N ASP A 167 12.40 -37.62 -17.90
CA ASP A 167 12.27 -38.22 -16.54
C ASP A 167 12.69 -37.24 -15.44
N THR A 168 11.68 -36.71 -14.75
CA THR A 168 11.85 -35.63 -13.78
C THR A 168 12.01 -36.13 -12.36
N SER A 169 11.86 -37.45 -12.19
CA SER A 169 11.81 -38.02 -10.86
C SER A 169 13.17 -37.95 -10.21
N ASN A 170 14.21 -37.97 -11.04
CA ASN A 170 15.57 -37.80 -10.55
C ASN A 170 16.34 -36.67 -11.21
N MET A 171 17.02 -35.88 -10.37
CA MET A 171 17.78 -34.69 -10.80
C MET A 171 18.95 -35.04 -11.74
N ASP A 172 19.70 -36.08 -11.35
CA ASP A 172 20.65 -36.78 -12.20
C ASP A 172 20.13 -37.30 -13.54
N VAL A 173 19.09 -38.15 -13.54
CA VAL A 173 18.53 -38.70 -14.80
C VAL A 173 17.98 -37.59 -15.68
N PHE A 174 17.32 -36.62 -15.06
CA PHE A 174 16.80 -35.50 -15.80
C PHE A 174 17.93 -34.69 -16.43
N VAL A 175 18.91 -34.23 -15.64
CA VAL A 175 19.96 -33.39 -16.22
C VAL A 175 20.67 -34.15 -17.36
N GLN A 176 21.10 -35.39 -17.09
CA GLN A 176 21.66 -36.28 -18.14
C GLN A 176 20.75 -36.37 -19.36
N GLN A 177 19.49 -36.68 -19.13
CA GLN A 177 18.50 -36.82 -20.21
C GLN A 177 18.35 -35.57 -21.08
N TYR A 178 18.30 -34.43 -20.40
CA TYR A 178 18.09 -33.17 -21.08
C TYR A 178 19.34 -32.89 -21.95
N ALA A 179 20.51 -32.92 -21.30
CA ALA A 179 21.82 -32.75 -21.96
C ALA A 179 21.98 -33.66 -23.16
N ASP A 180 21.77 -34.96 -22.98
CA ASP A 180 21.79 -35.91 -24.10
C ASP A 180 20.73 -35.68 -25.19
N THR A 181 19.58 -35.09 -24.82
CA THR A 181 18.55 -34.78 -25.81
C THR A 181 19.05 -33.68 -26.73
N VAL A 182 19.72 -32.70 -26.12
CA VAL A 182 20.29 -31.57 -26.84
C VAL A 182 21.39 -32.08 -27.81
N LYS A 183 22.08 -33.15 -27.42
CA LYS A 183 23.08 -33.81 -28.26
C LYS A 183 22.45 -34.43 -29.51
N TYR A 184 21.44 -35.28 -29.35
CA TYR A 184 20.73 -35.86 -30.49
C TYR A 184 20.26 -34.81 -31.50
N LEU A 185 19.77 -33.69 -30.97
CA LEU A 185 19.24 -32.59 -31.75
C LEU A 185 20.32 -31.76 -32.44
N SER A 186 21.44 -31.51 -31.73
CA SER A 186 22.58 -30.81 -32.30
C SER A 186 23.10 -31.55 -33.55
N GLU A 187 22.85 -32.85 -33.60
CA GLU A 187 23.35 -33.77 -34.62
C GLU A 187 22.28 -34.10 -35.64
N LYS A 188 21.32 -33.20 -35.84
CA LYS A 188 20.18 -33.49 -36.70
C LYS A 188 20.30 -32.72 -38.01
N GLN B 2 16.04 -33.99 12.18
CA GLN B 2 14.69 -33.72 11.63
C GLN B 2 14.43 -32.20 11.53
N TYR B 3 13.41 -31.68 12.26
CA TYR B 3 12.89 -30.32 11.98
C TYR B 3 13.77 -29.06 12.11
N GLU B 4 13.70 -28.27 13.17
CA GLU B 4 14.53 -27.03 13.15
C GLU B 4 14.18 -25.86 12.17
N ASP B 5 13.97 -24.69 12.77
CA ASP B 5 13.75 -23.44 12.07
C ASP B 5 14.99 -23.24 11.23
N GLY B 6 14.80 -22.81 9.99
CA GLY B 6 15.89 -22.46 9.11
C GLY B 6 16.20 -23.53 8.10
N LYS B 7 15.80 -24.76 8.36
CA LYS B 7 15.93 -25.80 7.36
C LYS B 7 14.64 -25.91 6.50
N GLN B 8 13.65 -26.67 6.96
CA GLN B 8 12.51 -27.02 6.09
C GLN B 8 11.44 -25.94 6.08
N TYR B 9 11.61 -24.97 6.95
CA TYR B 9 10.69 -23.89 7.11
C TYR B 9 11.46 -22.84 7.85
N THR B 10 10.87 -21.62 7.90
CA THR B 10 11.33 -20.52 8.74
C THR B 10 10.18 -19.85 9.50
N THR B 11 10.51 -19.23 10.62
CA THR B 11 9.52 -18.64 11.50
C THR B 11 9.43 -17.13 11.26
N LEU B 12 8.20 -16.65 11.00
CA LEU B 12 7.96 -15.23 10.82
C LEU B 12 8.32 -14.51 12.11
N GLU B 13 9.07 -13.43 11.95
CA GLU B 13 9.46 -12.64 13.10
C GLU B 13 8.20 -11.97 13.63
N LYS B 14 7.28 -11.64 12.73
CA LYS B 14 5.97 -11.17 13.19
C LYS B 14 4.78 -11.93 12.61
N PRO B 15 4.20 -12.79 13.44
CA PRO B 15 3.09 -13.67 13.02
C PRO B 15 1.81 -12.93 12.64
N VAL B 16 1.13 -13.45 11.63
CA VAL B 16 -0.14 -12.91 11.13
C VAL B 16 -1.28 -13.55 11.93
N ALA B 17 -1.95 -12.77 12.77
CA ALA B 17 -3.08 -13.29 13.51
C ALA B 17 -4.32 -13.37 12.60
N GLY B 18 -5.03 -14.49 12.66
CA GLY B 18 -6.19 -14.76 11.81
C GLY B 18 -5.94 -15.13 10.35
N ALA B 19 -4.73 -15.59 10.02
CA ALA B 19 -4.45 -16.08 8.65
C ALA B 19 -5.08 -17.46 8.42
N PRO B 20 -5.36 -17.88 7.17
CA PRO B 20 -5.82 -19.23 6.94
C PRO B 20 -4.79 -20.15 7.55
N GLN B 21 -5.23 -21.37 7.90
CA GLN B 21 -4.35 -22.36 8.50
C GLN B 21 -3.20 -22.79 7.54
N VAL B 22 -3.52 -22.99 6.26
CA VAL B 22 -2.49 -23.25 5.29
C VAL B 22 -2.76 -22.27 4.14
N LEU B 23 -1.77 -21.45 3.84
CA LEU B 23 -2.05 -20.31 2.90
C LEU B 23 -0.97 -20.38 1.85
N GLU B 24 -1.38 -20.64 0.62
CA GLU B 24 -0.49 -20.67 -0.49
C GLU B 24 -0.71 -19.43 -1.36
N PHE B 25 0.37 -18.82 -1.83
CA PHE B 25 0.22 -17.63 -2.73
C PHE B 25 0.71 -18.06 -4.09
N PHE B 26 0.06 -17.58 -5.13
CA PHE B 26 0.46 -17.88 -6.49
C PHE B 26 0.08 -16.66 -7.36
N SER B 27 0.57 -16.69 -8.60
CA SER B 27 0.22 -15.68 -9.60
C SER B 27 0.00 -16.38 -10.94
N PHE B 28 -1.03 -15.97 -11.67
CA PHE B 28 -1.22 -16.46 -13.04
C PHE B 28 -0.07 -16.10 -14.02
N PHE B 29 0.76 -15.12 -13.67
CA PHE B 29 1.81 -14.63 -14.60
C PHE B 29 3.13 -15.37 -14.47
N CYS B 30 3.36 -15.95 -13.28
CA CYS B 30 4.69 -16.48 -12.94
C CYS B 30 4.56 -17.50 -11.78
N PRO B 31 5.27 -18.64 -11.80
CA PRO B 31 6.22 -19.01 -12.90
C PRO B 31 5.53 -19.48 -14.17
N HIS B 32 6.33 -19.93 -15.14
CA HIS B 32 5.77 -20.34 -16.43
C HIS B 32 5.50 -21.82 -16.54
N ALA B 33 4.79 -22.20 -17.58
CA ALA B 33 4.24 -23.52 -17.80
C ALA B 33 4.79 -24.66 -16.95
N TYR B 34 5.95 -25.25 -17.31
CA TYR B 34 6.46 -26.39 -16.52
C TYR B 34 6.52 -26.13 -15.03
N GLN B 35 7.12 -25.01 -14.65
CA GLN B 35 7.24 -24.74 -13.25
C GLN B 35 5.90 -24.42 -12.59
N PHE B 36 4.95 -23.82 -13.30
CA PHE B 36 3.63 -23.59 -12.71
C PHE B 36 2.85 -24.92 -12.47
N GLU B 37 2.87 -25.78 -13.46
CA GLU B 37 2.27 -27.13 -13.35
C GLU B 37 2.86 -27.97 -12.20
N GLU B 38 4.17 -27.84 -12.03
CA GLU B 38 4.90 -28.49 -10.97
C GLU B 38 4.45 -28.00 -9.59
N VAL B 39 4.25 -26.70 -9.44
CA VAL B 39 3.79 -26.20 -8.16
C VAL B 39 2.36 -26.74 -7.86
N LEU B 40 1.55 -26.88 -8.90
CA LEU B 40 0.20 -27.31 -8.79
C LEU B 40 0.13 -28.75 -8.22
N HIS B 41 1.01 -29.60 -8.72
CA HIS B 41 1.10 -31.01 -8.31
C HIS B 41 1.57 -31.13 -6.88
N ILE B 42 2.54 -30.30 -6.48
CA ILE B 42 2.99 -30.28 -5.11
C ILE B 42 1.88 -29.80 -4.19
N SER B 43 1.13 -28.78 -4.64
CA SER B 43 0.08 -28.23 -3.84
C SER B 43 -1.00 -29.32 -3.58
N ASP B 44 -1.27 -30.07 -4.64
CA ASP B 44 -2.30 -31.12 -4.62
C ASP B 44 -1.93 -32.18 -3.56
N ASN B 45 -0.64 -32.53 -3.51
CA ASN B 45 -0.18 -33.56 -2.60
C ASN B 45 -0.15 -32.98 -1.20
N VAL B 46 0.15 -31.69 -1.10
CA VAL B 46 0.09 -31.07 0.23
C VAL B 46 -1.35 -31.25 0.76
N LYS B 47 -2.31 -30.96 -0.11
CA LYS B 47 -3.72 -30.96 0.21
C LYS B 47 -4.21 -32.34 0.66
N LYS B 48 -3.95 -33.36 -0.17
CA LYS B 48 -4.27 -34.75 0.14
C LYS B 48 -3.76 -35.22 1.52
N LYS B 49 -2.52 -34.88 1.83
CA LYS B 49 -1.80 -35.45 2.95
C LYS B 49 -1.92 -34.60 4.23
N LEU B 50 -3.00 -33.80 4.33
CA LEU B 50 -3.20 -32.93 5.50
C LEU B 50 -4.15 -33.49 6.57
N PRO B 51 -4.00 -33.00 7.82
CA PRO B 51 -4.77 -33.53 8.98
C PRO B 51 -6.28 -33.61 8.74
N GLU B 52 -7.07 -33.60 9.80
CA GLU B 52 -8.53 -33.75 9.68
C GLU B 52 -9.15 -32.58 8.89
N GLY B 53 -9.86 -31.68 9.58
CA GLY B 53 -10.57 -30.61 8.88
C GLY B 53 -9.72 -29.38 8.59
N VAL B 54 -8.41 -29.63 8.39
CA VAL B 54 -7.41 -28.59 8.11
C VAL B 54 -7.43 -28.21 6.61
N LYS B 55 -7.82 -26.97 6.38
CA LYS B 55 -8.19 -26.40 5.08
C LYS B 55 -7.00 -25.69 4.41
N MET B 56 -6.90 -25.87 3.09
CA MET B 56 -5.94 -25.20 2.27
C MET B 56 -6.57 -24.00 1.52
N THR B 57 -5.91 -22.86 1.63
CA THR B 57 -6.38 -21.64 1.01
C THR B 57 -5.32 -21.14 0.02
N LYS B 58 -5.74 -20.74 -1.17
CA LYS B 58 -4.82 -20.25 -2.22
C LYS B 58 -5.23 -18.80 -2.50
N TYR B 59 -4.29 -17.85 -2.37
CA TYR B 59 -4.52 -16.46 -2.71
C TYR B 59 -3.72 -16.01 -3.93
N HIS B 60 -4.33 -15.10 -4.73
CA HIS B 60 -3.69 -14.64 -5.98
C HIS B 60 -2.94 -13.38 -5.67
N VAL B 61 -1.79 -13.16 -6.29
CA VAL B 61 -1.00 -11.95 -6.05
C VAL B 61 -0.59 -11.35 -7.39
N ASN B 62 -0.60 -10.03 -7.45
CA ASN B 62 -0.29 -9.28 -8.66
C ASN B 62 1.14 -8.82 -8.61
N PHE B 63 2.02 -9.60 -9.22
CA PHE B 63 3.37 -9.16 -9.56
C PHE B 63 3.33 -8.77 -11.04
N MET B 64 3.51 -7.45 -11.22
CA MET B 64 3.78 -6.80 -12.50
C MET B 64 2.69 -6.88 -13.55
N GLY B 65 1.46 -7.22 -13.13
CA GLY B 65 0.43 -7.54 -14.06
C GLY B 65 -0.48 -6.40 -14.44
N GLY B 66 -0.19 -5.22 -13.90
CA GLY B 66 -1.04 -4.03 -13.93
C GLY B 66 -2.52 -4.26 -13.75
N ASP B 67 -3.32 -3.67 -14.62
CA ASP B 67 -4.78 -3.81 -14.46
C ASP B 67 -5.28 -5.23 -14.59
N LEU B 68 -4.76 -5.95 -15.55
CA LEU B 68 -5.14 -7.38 -15.74
C LEU B 68 -4.90 -8.26 -14.48
N GLY B 69 -3.79 -8.04 -13.78
CA GLY B 69 -3.51 -8.76 -12.53
C GLY B 69 -4.48 -8.39 -11.42
N LYS B 70 -4.86 -7.10 -11.32
CA LYS B 70 -5.89 -6.68 -10.37
C LYS B 70 -7.16 -7.41 -10.71
N ASP B 71 -7.49 -7.44 -12.00
CA ASP B 71 -8.70 -8.13 -12.37
C ASP B 71 -8.61 -9.62 -12.08
N LEU B 72 -7.41 -10.21 -12.20
CA LEU B 72 -7.29 -11.69 -11.94
C LEU B 72 -7.44 -11.97 -10.47
N THR B 73 -6.96 -11.06 -9.64
CA THR B 73 -7.10 -11.20 -8.17
C THR B 73 -8.60 -11.13 -7.81
N GLN B 74 -9.32 -10.25 -8.48
CA GLN B 74 -10.77 -10.17 -8.25
C GLN B 74 -11.51 -11.40 -8.76
N ALA B 75 -11.07 -11.91 -9.92
CA ALA B 75 -11.71 -13.10 -10.52
C ALA B 75 -11.37 -14.30 -9.64
N TRP B 76 -10.17 -14.31 -9.02
CA TRP B 76 -9.86 -15.37 -8.07
C TRP B 76 -10.76 -15.29 -6.80
N ALA B 77 -11.02 -14.07 -6.30
CA ALA B 77 -12.02 -13.89 -5.25
C ALA B 77 -13.36 -14.45 -5.72
N VAL B 78 -13.75 -14.13 -6.94
CA VAL B 78 -14.96 -14.74 -7.52
C VAL B 78 -14.90 -16.28 -7.49
N ALA B 79 -13.76 -16.89 -7.92
CA ALA B 79 -13.69 -18.37 -8.02
C ALA B 79 -13.83 -19.00 -6.60
N MET B 80 -13.23 -18.37 -5.60
CA MET B 80 -13.36 -18.75 -4.19
C MET B 80 -14.82 -18.53 -3.70
N ALA B 81 -15.44 -17.39 -3.97
CA ALA B 81 -16.88 -17.18 -3.59
C ALA B 81 -17.80 -18.24 -4.18
N LEU B 82 -17.55 -18.60 -5.44
CA LEU B 82 -18.40 -19.58 -6.13
C LEU B 82 -18.05 -20.99 -5.89
N GLY B 83 -16.85 -21.25 -5.35
CA GLY B 83 -16.38 -22.62 -5.16
C GLY B 83 -15.95 -23.31 -6.44
N VAL B 84 -15.36 -22.56 -7.39
CA VAL B 84 -15.09 -23.15 -8.70
C VAL B 84 -13.60 -23.09 -8.98
N GLU B 85 -12.79 -22.97 -7.92
CA GLU B 85 -11.32 -22.87 -8.06
C GLU B 85 -10.77 -23.93 -8.99
N ASP B 86 -11.17 -25.17 -8.74
CA ASP B 86 -10.70 -26.32 -9.54
C ASP B 86 -11.18 -26.38 -10.99
N LYS B 87 -12.23 -25.66 -11.33
CA LYS B 87 -12.72 -25.62 -12.74
C LYS B 87 -12.02 -24.51 -13.55
N VAL B 88 -11.52 -23.48 -12.87
CA VAL B 88 -11.00 -22.33 -13.60
C VAL B 88 -9.46 -22.22 -13.57
N THR B 89 -8.78 -23.00 -12.75
CA THR B 89 -7.37 -22.64 -12.50
C THR B 89 -6.61 -22.82 -13.82
N VAL B 90 -6.86 -23.95 -14.46
CA VAL B 90 -6.10 -24.35 -15.60
C VAL B 90 -6.49 -23.47 -16.79
N PRO B 91 -7.78 -23.31 -17.14
CA PRO B 91 -8.10 -22.31 -18.18
C PRO B 91 -7.60 -20.89 -17.91
N LEU B 92 -7.60 -20.40 -16.68
CA LEU B 92 -7.08 -19.07 -16.49
C LEU B 92 -5.55 -19.07 -16.75
N PHE B 93 -4.89 -20.08 -16.21
CA PHE B 93 -3.42 -20.17 -16.38
C PHE B 93 -3.08 -20.32 -17.89
N GLU B 94 -3.77 -21.21 -18.61
CA GLU B 94 -3.52 -21.37 -20.08
C GLU B 94 -3.86 -20.13 -20.96
N GLY B 95 -4.94 -19.48 -20.58
CA GLY B 95 -5.40 -18.27 -21.23
C GLY B 95 -4.43 -17.13 -21.03
N VAL B 96 -3.82 -17.05 -19.86
CA VAL B 96 -2.91 -15.94 -19.59
C VAL B 96 -1.57 -16.25 -20.30
N GLN B 97 -1.05 -17.45 -20.15
CA GLN B 97 0.32 -17.73 -20.51
C GLN B 97 0.49 -18.43 -21.88
N LYS B 98 -0.38 -19.39 -22.18
CA LYS B 98 -0.24 -20.33 -23.29
C LYS B 98 -0.87 -19.80 -24.56
N THR B 99 -2.14 -19.44 -24.51
CA THR B 99 -2.76 -18.95 -25.75
C THR B 99 -2.74 -17.45 -25.78
N GLN B 100 -2.46 -16.85 -24.64
CA GLN B 100 -2.43 -15.44 -24.51
C GLN B 100 -3.77 -14.85 -24.93
N THR B 101 -4.85 -15.55 -24.62
CA THR B 101 -6.15 -15.02 -25.00
C THR B 101 -6.78 -14.21 -23.87
N ILE B 102 -6.08 -14.06 -22.76
CA ILE B 102 -6.65 -13.28 -21.71
C ILE B 102 -5.80 -12.03 -21.59
N ARG B 103 -6.38 -10.90 -21.93
CA ARG B 103 -5.69 -9.63 -21.97
C ARG B 103 -6.52 -8.56 -21.32
N SER B 104 -7.82 -8.82 -21.24
CA SER B 104 -8.73 -7.87 -20.65
C SER B 104 -9.79 -8.57 -19.73
N ALA B 105 -10.54 -7.78 -18.98
CA ALA B 105 -11.54 -8.29 -17.99
C ALA B 105 -12.63 -9.20 -18.61
N SER B 106 -13.07 -8.91 -19.83
CA SER B 106 -14.07 -9.82 -20.45
C SER B 106 -13.54 -11.17 -20.86
N ASP B 107 -12.25 -11.26 -21.14
CA ASP B 107 -11.60 -12.58 -21.42
C ASP B 107 -11.63 -13.49 -20.20
N ILE B 108 -11.42 -12.89 -19.02
CA ILE B 108 -11.51 -13.63 -17.71
C ILE B 108 -12.93 -14.12 -17.53
N ARG B 109 -13.89 -13.18 -17.63
CA ARG B 109 -15.30 -13.59 -17.64
C ARG B 109 -15.60 -14.68 -18.63
N ASP B 110 -15.09 -14.58 -19.87
CA ASP B 110 -15.32 -15.67 -20.86
C ASP B 110 -14.84 -17.05 -20.36
N VAL B 111 -13.71 -17.09 -19.68
CA VAL B 111 -13.19 -18.34 -19.10
C VAL B 111 -14.18 -18.96 -18.08
N PHE B 112 -14.77 -18.11 -17.24
CA PHE B 112 -15.76 -18.62 -16.30
C PHE B 112 -16.97 -19.17 -17.02
N ILE B 113 -17.41 -18.48 -18.07
CA ILE B 113 -18.59 -18.95 -18.80
C ILE B 113 -18.31 -20.21 -19.55
N ASN B 114 -17.10 -20.29 -20.10
CA ASN B 114 -16.71 -21.53 -20.75
C ASN B 114 -16.45 -22.72 -19.77
N ALA B 115 -16.30 -22.41 -18.49
CA ALA B 115 -16.22 -23.47 -17.45
C ALA B 115 -17.58 -23.82 -16.82
N GLY B 116 -18.65 -23.27 -17.38
CA GLY B 116 -20.01 -23.60 -16.89
C GLY B 116 -20.59 -22.69 -15.84
N ILE B 117 -19.88 -21.62 -15.48
CA ILE B 117 -20.45 -20.59 -14.59
C ILE B 117 -21.33 -19.69 -15.43
N LYS B 118 -22.55 -19.43 -14.93
CA LYS B 118 -23.43 -18.50 -15.61
C LYS B 118 -22.92 -17.10 -15.59
N GLY B 119 -23.03 -16.44 -16.76
CA GLY B 119 -22.67 -15.01 -16.90
C GLY B 119 -23.19 -14.13 -15.77
N GLU B 120 -24.48 -14.24 -15.48
CA GLU B 120 -25.12 -13.39 -14.48
C GLU B 120 -24.67 -13.69 -13.03
N GLU B 121 -24.41 -14.96 -12.73
CA GLU B 121 -23.76 -15.34 -11.45
C GLU B 121 -22.34 -14.74 -11.31
N TYR B 122 -21.50 -14.89 -12.34
CA TYR B 122 -20.19 -14.24 -12.39
C TYR B 122 -20.33 -12.73 -12.10
N ASP B 123 -21.24 -12.05 -12.82
CA ASP B 123 -21.40 -10.59 -12.64
C ASP B 123 -21.85 -10.31 -11.23
N ALA B 124 -22.80 -11.09 -10.70
CA ALA B 124 -23.33 -10.83 -9.37
C ALA B 124 -22.20 -11.02 -8.31
N ALA B 125 -21.44 -12.09 -8.43
CA ALA B 125 -20.26 -12.31 -7.59
C ALA B 125 -19.23 -11.18 -7.73
N TRP B 126 -18.83 -10.82 -8.95
CA TRP B 126 -17.78 -9.78 -9.20
C TRP B 126 -18.08 -8.51 -8.40
N ASN B 127 -19.37 -8.19 -8.35
CA ASN B 127 -19.83 -6.99 -7.72
C ASN B 127 -20.17 -7.14 -6.24
N SER B 128 -19.98 -8.30 -5.67
CA SER B 128 -20.50 -8.54 -4.32
C SER B 128 -19.58 -8.04 -3.25
N PHE B 129 -20.16 -7.74 -2.08
CA PHE B 129 -19.38 -7.44 -0.89
C PHE B 129 -18.44 -8.58 -0.48
N VAL B 130 -18.91 -9.82 -0.57
CA VAL B 130 -18.06 -10.97 -0.29
C VAL B 130 -16.75 -10.91 -1.15
N VAL B 131 -16.92 -10.68 -2.45
CA VAL B 131 -15.78 -10.61 -3.37
C VAL B 131 -14.93 -9.40 -3.06
N LYS B 132 -15.55 -8.28 -2.70
CA LYS B 132 -14.75 -7.10 -2.31
C LYS B 132 -13.82 -7.43 -1.10
N SER B 133 -14.42 -8.12 -0.12
CA SER B 133 -13.75 -8.47 1.10
C SER B 133 -12.64 -9.50 0.83
N LEU B 134 -12.86 -10.44 -0.09
CA LEU B 134 -11.87 -11.47 -0.46
C LEU B 134 -10.67 -10.83 -1.16
N VAL B 135 -10.96 -9.85 -1.99
CA VAL B 135 -9.88 -9.07 -2.60
C VAL B 135 -9.00 -8.42 -1.51
N ALA B 136 -9.62 -7.68 -0.59
CA ALA B 136 -8.89 -7.06 0.51
C ALA B 136 -8.14 -8.08 1.35
N GLN B 137 -8.79 -9.23 1.65
CA GLN B 137 -8.11 -10.29 2.37
C GLN B 137 -6.84 -10.81 1.69
N GLN B 138 -6.91 -11.06 0.37
CA GLN B 138 -5.74 -11.53 -0.40
C GLN B 138 -4.57 -10.53 -0.32
N GLU B 139 -4.89 -9.25 -0.48
CA GLU B 139 -3.87 -8.16 -0.55
C GLU B 139 -3.21 -7.99 0.80
N LYS B 140 -4.06 -7.99 1.83
CA LYS B 140 -3.56 -7.80 3.22
C LYS B 140 -2.66 -8.99 3.70
N ALA B 141 -3.02 -10.21 3.31
CA ALA B 141 -2.21 -11.39 3.69
C ALA B 141 -0.85 -11.32 3.09
N ALA B 142 -0.79 -10.95 1.80
CA ALA B 142 0.50 -10.81 1.12
C ALA B 142 1.41 -9.71 1.70
N ALA B 143 0.82 -8.62 2.18
CA ALA B 143 1.62 -7.57 2.86
C ALA B 143 1.98 -7.98 4.30
N ASP B 144 1.11 -8.72 4.96
CA ASP B 144 1.36 -9.21 6.32
C ASP B 144 2.50 -10.23 6.44
N VAL B 145 2.69 -11.05 5.41
CA VAL B 145 3.80 -12.02 5.34
C VAL B 145 4.97 -11.35 4.63
N GLN B 146 4.84 -10.10 4.27
CA GLN B 146 5.90 -9.43 3.52
C GLN B 146 6.36 -10.27 2.32
N LEU B 147 5.35 -10.65 1.51
CA LEU B 147 5.58 -11.58 0.40
C LEU B 147 6.55 -11.07 -0.65
N ARG B 148 7.59 -11.85 -0.93
CA ARG B 148 8.69 -11.45 -1.83
C ARG B 148 8.65 -12.06 -3.22
N GLY B 149 7.90 -13.15 -3.36
CA GLY B 149 7.85 -13.93 -4.60
C GLY B 149 6.90 -15.13 -4.42
N VAL B 150 6.52 -15.75 -5.55
CA VAL B 150 5.69 -16.95 -5.61
C VAL B 150 6.41 -18.05 -6.42
N PRO B 151 6.16 -19.32 -6.11
CA PRO B 151 5.22 -19.78 -5.03
C PRO B 151 5.74 -19.63 -3.61
N ALA B 152 4.82 -19.69 -2.66
CA ALA B 152 5.10 -19.59 -1.29
C ALA B 152 3.97 -20.19 -0.50
N MET B 153 4.30 -20.71 0.67
CA MET B 153 3.27 -21.27 1.53
C MET B 153 3.55 -21.00 3.00
N PHE B 154 2.49 -20.68 3.73
CA PHE B 154 2.55 -20.30 5.13
C PHE B 154 1.53 -21.06 5.92
N VAL B 155 1.92 -21.41 7.15
CA VAL B 155 1.07 -22.17 8.05
C VAL B 155 0.84 -21.38 9.31
N ASN B 156 -0.45 -21.25 9.61
CA ASN B 156 -0.98 -20.63 10.81
C ASN B 156 -0.49 -19.22 11.02
N GLY B 157 -0.14 -18.58 9.90
CA GLY B 157 0.31 -17.20 9.88
C GLY B 157 1.66 -17.02 10.51
N LYS B 158 2.41 -18.12 10.66
CA LYS B 158 3.60 -18.19 11.56
C LYS B 158 4.84 -18.76 10.88
N TYR B 159 4.64 -19.81 10.08
CA TYR B 159 5.77 -20.54 9.53
C TYR B 159 5.69 -20.45 8.04
N GLN B 160 6.84 -20.17 7.42
CA GLN B 160 6.98 -20.15 5.96
C GLN B 160 7.70 -21.41 5.52
N LEU B 161 7.11 -22.15 4.58
CA LEU B 161 7.81 -23.32 4.01
C LEU B 161 9.12 -22.91 3.33
N ASN B 162 10.16 -23.74 3.48
CA ASN B 162 11.49 -23.44 2.94
C ASN B 162 11.96 -24.59 2.08
N PRO B 163 11.51 -24.67 0.81
CA PRO B 163 11.76 -25.85 -0.04
C PRO B 163 13.26 -26.06 -0.32
N GLN B 164 14.05 -24.99 -0.24
CA GLN B 164 15.51 -25.09 -0.33
C GLN B 164 16.18 -25.91 0.82
N GLY B 165 15.49 -26.11 1.93
CA GLY B 165 16.03 -26.93 3.02
C GLY B 165 15.48 -28.36 3.02
N MET B 166 15.09 -28.78 1.82
CA MET B 166 14.53 -30.09 1.58
C MET B 166 15.34 -30.73 0.46
N ASP B 167 15.27 -32.06 0.36
CA ASP B 167 16.01 -32.85 -0.62
C ASP B 167 15.29 -32.82 -1.96
N THR B 168 15.97 -32.33 -2.99
CA THR B 168 15.34 -32.21 -4.30
C THR B 168 15.83 -33.26 -5.31
N SER B 169 16.82 -34.06 -4.91
CA SER B 169 17.41 -35.06 -5.79
C SER B 169 16.33 -35.95 -6.41
N ASN B 170 15.37 -36.32 -5.57
CA ASN B 170 14.21 -37.12 -6.00
C ASN B 170 12.92 -36.35 -5.73
N MET B 171 12.02 -36.46 -6.70
CA MET B 171 10.84 -35.63 -6.77
C MET B 171 9.83 -36.08 -5.74
N ASP B 172 9.57 -37.39 -5.67
CA ASP B 172 8.63 -37.84 -4.67
C ASP B 172 9.15 -37.68 -3.23
N VAL B 173 10.44 -37.84 -3.03
CA VAL B 173 11.01 -37.56 -1.72
C VAL B 173 10.71 -36.08 -1.38
N PHE B 174 10.99 -35.18 -2.34
CA PHE B 174 10.81 -33.74 -2.11
C PHE B 174 9.36 -33.42 -1.83
N VAL B 175 8.47 -33.97 -2.64
CA VAL B 175 7.04 -33.67 -2.54
C VAL B 175 6.46 -34.17 -1.22
N GLN B 176 6.88 -35.37 -0.80
CA GLN B 176 6.37 -35.92 0.44
C GLN B 176 7.02 -35.30 1.71
N GLN B 177 8.27 -34.93 1.65
CA GLN B 177 8.86 -34.10 2.69
C GLN B 177 8.15 -32.73 2.76
N TYR B 178 7.78 -32.14 1.60
CA TYR B 178 7.08 -30.84 1.61
C TYR B 178 5.72 -31.02 2.29
N ALA B 179 4.94 -31.98 1.79
CA ALA B 179 3.63 -32.26 2.39
C ALA B 179 3.69 -32.62 3.89
N ASP B 180 4.73 -33.35 4.31
CA ASP B 180 4.87 -33.80 5.69
C ASP B 180 5.24 -32.58 6.54
N THR B 181 6.07 -31.71 6.01
CA THR B 181 6.44 -30.49 6.74
C THR B 181 5.19 -29.62 6.99
N VAL B 182 4.35 -29.45 5.98
CA VAL B 182 3.10 -28.70 6.16
C VAL B 182 2.27 -29.35 7.27
N LYS B 183 2.04 -30.65 7.15
CA LYS B 183 1.30 -31.40 8.19
C LYS B 183 1.94 -31.19 9.56
N TYR B 184 3.25 -31.39 9.68
CA TYR B 184 3.96 -31.19 10.98
C TYR B 184 3.76 -29.76 11.51
N LEU B 185 3.99 -28.79 10.63
CA LEU B 185 3.71 -27.40 11.01
C LEU B 185 2.28 -27.15 11.41
N SER B 186 1.33 -27.77 10.73
CA SER B 186 -0.05 -27.47 11.02
C SER B 186 -0.37 -27.92 12.47
N GLU B 187 0.42 -28.83 13.02
CA GLU B 187 0.08 -29.31 14.36
C GLU B 187 0.89 -28.60 15.43
N LYS B 188 1.76 -27.67 15.01
CA LYS B 188 2.79 -27.13 15.91
C LYS B 188 2.28 -25.95 16.70
N GLN C 2 -1.38 1.74 35.87
CA GLN C 2 -2.18 2.38 36.93
C GLN C 2 -2.77 3.70 36.44
N TYR C 3 -3.98 4.02 36.90
CA TYR C 3 -4.68 5.27 36.54
C TYR C 3 -4.08 6.48 37.25
N GLU C 4 -3.60 7.44 36.48
CA GLU C 4 -2.86 8.53 37.06
C GLU C 4 -3.34 9.82 36.47
N ASP C 5 -3.59 10.81 37.33
CA ASP C 5 -3.99 12.13 36.88
C ASP C 5 -2.79 12.70 36.13
N GLY C 6 -3.04 13.25 34.94
CA GLY C 6 -1.96 13.71 34.05
C GLY C 6 -1.56 12.65 33.03
N LYS C 7 -1.96 11.41 33.29
CA LYS C 7 -1.63 10.34 32.34
C LYS C 7 -2.81 10.02 31.42
N GLN C 8 -3.72 9.13 31.80
CA GLN C 8 -4.84 8.80 30.89
C GLN C 8 -6.01 9.78 30.93
N TYR C 9 -5.89 10.74 31.85
CA TYR C 9 -6.88 11.81 32.03
C TYR C 9 -6.22 12.95 32.76
N THR C 10 -6.85 14.12 32.69
CA THR C 10 -6.43 15.27 33.50
C THR C 10 -7.66 15.83 34.20
N THR C 11 -7.46 16.59 35.29
CA THR C 11 -8.56 16.99 36.16
C THR C 11 -8.81 18.50 36.02
N LEU C 12 -10.07 18.88 35.79
CA LEU C 12 -10.42 20.31 35.68
C LEU C 12 -10.15 21.03 36.99
N GLU C 13 -9.44 22.15 36.86
CA GLU C 13 -9.20 23.10 37.94
C GLU C 13 -10.50 23.61 38.54
N LYS C 14 -11.49 23.89 37.69
CA LYS C 14 -12.82 24.28 38.18
C LYS C 14 -13.98 23.45 37.61
N PRO C 15 -14.26 22.32 38.26
CA PRO C 15 -15.35 21.45 37.88
C PRO C 15 -16.57 22.23 37.47
N VAL C 16 -17.35 21.63 36.58
CA VAL C 16 -18.53 22.21 36.01
C VAL C 16 -19.69 21.44 36.58
N ALA C 17 -20.44 22.11 37.45
CA ALA C 17 -21.64 21.54 38.05
C ALA C 17 -22.70 21.21 37.00
N GLY C 18 -23.34 20.06 37.15
CA GLY C 18 -24.54 19.73 36.34
C GLY C 18 -24.27 19.39 34.87
N ALA C 19 -23.03 19.00 34.61
CA ALA C 19 -22.59 18.61 33.27
C ALA C 19 -23.07 17.19 32.95
N PRO C 20 -23.24 16.85 31.66
CA PRO C 20 -23.63 15.47 31.28
C PRO C 20 -22.61 14.47 31.78
N GLN C 21 -23.00 13.20 31.86
CA GLN C 21 -22.16 12.26 32.58
C GLN C 21 -20.88 12.08 31.81
N VAL C 22 -21.03 11.90 30.49
CA VAL C 22 -19.91 11.77 29.57
C VAL C 22 -20.24 12.66 28.41
N LEU C 23 -19.36 13.59 28.16
CA LEU C 23 -19.63 14.59 27.15
C LEU C 23 -18.48 14.64 26.14
N GLU C 24 -18.76 14.29 24.90
CA GLU C 24 -17.83 14.44 23.79
C GLU C 24 -18.09 15.76 23.06
N PHE C 25 -17.08 16.60 22.89
CA PHE C 25 -17.19 17.71 21.95
C PHE C 25 -16.66 17.36 20.55
N PHE C 26 -17.37 17.78 19.52
CA PHE C 26 -16.85 17.67 18.17
C PHE C 26 -17.13 18.95 17.33
N SER C 27 -16.46 19.06 16.19
CA SER C 27 -16.85 20.10 15.22
C SER C 27 -16.94 19.44 13.85
N PHE C 28 -17.94 19.82 13.05
CA PHE C 28 -17.93 19.35 11.67
C PHE C 28 -16.78 19.93 10.84
N PHE C 29 -16.10 20.93 11.39
CA PHE C 29 -15.02 21.65 10.69
C PHE C 29 -13.60 21.15 10.95
N CYS C 30 -13.43 20.35 12.00
CA CYS C 30 -12.08 19.94 12.44
C CYS C 30 -12.29 18.71 13.31
N PRO C 31 -11.47 17.65 13.17
CA PRO C 31 -10.36 17.57 12.20
C PRO C 31 -10.88 17.25 10.83
N HIS C 32 -9.97 16.95 9.89
CA HIS C 32 -10.41 16.78 8.51
C HIS C 32 -10.59 15.34 8.16
N ALA C 33 -11.18 15.10 7.00
CA ALA C 33 -11.62 13.82 6.49
C ALA C 33 -11.14 12.56 7.18
N TYR C 34 -9.95 12.08 6.84
CA TYR C 34 -9.47 10.84 7.42
C TYR C 34 -9.49 10.83 8.95
N GLN C 35 -8.96 11.88 9.57
CA GLN C 35 -8.88 11.92 11.04
C GLN C 35 -10.27 12.16 11.69
N PHE C 36 -11.16 12.82 10.96
CA PHE C 36 -12.52 12.92 11.43
C PHE C 36 -13.17 11.53 11.51
N GLU C 37 -13.10 10.78 10.40
CA GLU C 37 -13.65 9.42 10.31
C GLU C 37 -13.04 8.49 11.37
N GLU C 38 -11.73 8.56 11.54
CA GLU C 38 -11.08 7.85 12.63
C GLU C 38 -11.72 8.16 13.99
N VAL C 39 -11.99 9.44 14.27
CA VAL C 39 -12.50 9.83 15.60
C VAL C 39 -13.95 9.37 15.81
N LEU C 40 -14.73 9.39 14.73
CA LEU C 40 -16.11 8.93 14.75
C LEU C 40 -16.13 7.41 14.98
N HIS C 41 -15.31 6.67 14.22
CA HIS C 41 -15.16 5.23 14.41
C HIS C 41 -14.82 4.93 15.88
N ILE C 42 -13.77 5.56 16.41
CA ILE C 42 -13.37 5.41 17.81
C ILE C 42 -14.51 5.65 18.79
N SER C 43 -15.15 6.81 18.67
CA SER C 43 -16.28 7.20 19.50
C SER C 43 -17.43 6.17 19.40
N ASP C 44 -17.69 5.71 18.19
CA ASP C 44 -18.73 4.70 17.95
C ASP C 44 -18.41 3.38 18.61
N ASN C 45 -17.18 2.89 18.43
CA ASN C 45 -16.69 1.68 19.13
C ASN C 45 -16.44 1.83 20.65
N VAL C 46 -16.24 3.05 21.15
CA VAL C 46 -16.09 3.26 22.61
C VAL C 46 -17.46 3.10 23.23
N LYS C 47 -18.43 3.85 22.70
CA LYS C 47 -19.82 3.86 23.13
C LYS C 47 -20.42 2.45 23.24
N LYS C 48 -20.07 1.58 22.29
CA LYS C 48 -20.39 0.15 22.33
C LYS C 48 -19.75 -0.60 23.51
N LYS C 49 -18.60 -0.12 23.98
CA LYS C 49 -17.82 -0.80 25.00
C LYS C 49 -18.20 -0.36 26.42
N LEU C 50 -18.95 0.73 26.54
CA LEU C 50 -19.36 1.25 27.85
C LEU C 50 -20.51 0.44 28.48
N PRO C 51 -20.61 0.48 29.81
CA PRO C 51 -21.75 -0.12 30.53
C PRO C 51 -23.12 0.45 30.11
N GLU C 52 -24.19 -0.27 30.43
CA GLU C 52 -25.56 0.08 30.03
C GLU C 52 -26.09 1.30 30.78
N GLY C 53 -25.53 1.58 31.96
CA GLY C 53 -25.84 2.81 32.69
C GLY C 53 -25.21 4.07 32.09
N VAL C 54 -23.90 4.05 31.87
CA VAL C 54 -23.15 5.20 31.33
C VAL C 54 -23.76 5.82 30.06
N LYS C 55 -24.08 7.11 30.12
CA LYS C 55 -24.69 7.80 28.97
C LYS C 55 -23.69 8.79 28.32
N MET C 56 -23.50 8.62 27.01
CA MET C 56 -22.59 9.44 26.19
C MET C 56 -23.28 10.56 25.39
N THR C 57 -23.10 11.78 25.87
CA THR C 57 -23.61 12.97 25.19
C THR C 57 -22.56 13.56 24.23
N LYS C 58 -23.03 14.15 23.15
CA LYS C 58 -22.14 14.77 22.17
C LYS C 58 -22.70 16.13 21.81
N TYR C 59 -21.92 17.17 22.08
CA TYR C 59 -22.13 18.57 21.62
C TYR C 59 -21.24 19.03 20.43
N HIS C 60 -21.85 19.76 19.49
CA HIS C 60 -21.12 20.49 18.44
C HIS C 60 -20.50 21.82 18.92
N VAL C 61 -19.35 22.16 18.35
CA VAL C 61 -18.64 23.38 18.72
C VAL C 61 -18.36 24.10 17.41
N ASN C 62 -18.52 25.40 17.42
CA ASN C 62 -18.24 26.18 16.21
C ASN C 62 -16.79 26.62 16.33
N PHE C 63 -15.88 25.79 15.84
CA PHE C 63 -14.49 26.26 15.72
C PHE C 63 -14.29 26.92 14.33
N MET C 64 -14.27 28.27 14.38
CA MET C 64 -14.02 29.13 13.21
C MET C 64 -14.98 28.80 12.04
N GLY C 65 -16.27 28.64 12.33
CA GLY C 65 -17.16 28.27 11.29
C GLY C 65 -18.05 29.38 10.82
N GLY C 66 -17.92 30.57 11.43
CA GLY C 66 -18.82 31.70 11.16
C GLY C 66 -20.30 31.34 11.24
N ASP C 67 -21.09 31.85 10.30
CA ASP C 67 -22.53 31.61 10.31
C ASP C 67 -22.86 30.18 10.03
N LEU C 68 -22.11 29.53 9.13
CA LEU C 68 -22.39 28.12 8.82
C LEU C 68 -22.23 27.25 10.07
N GLY C 69 -21.22 27.52 10.89
CA GLY C 69 -20.93 26.72 12.07
C GLY C 69 -22.01 26.93 13.11
N LYS C 70 -22.55 28.14 13.15
CA LYS C 70 -23.65 28.42 14.07
C LYS C 70 -24.89 27.63 13.63
N ASP C 71 -25.24 27.66 12.34
CA ASP C 71 -26.32 26.81 11.82
C ASP C 71 -26.08 25.33 12.08
N LEU C 72 -24.81 24.90 12.02
CA LEU C 72 -24.51 23.50 12.28
C LEU C 72 -24.76 23.17 13.73
N THR C 73 -24.38 24.05 14.66
CA THR C 73 -24.73 23.79 16.08
C THR C 73 -26.23 23.69 16.30
N GLN C 74 -26.98 24.58 15.65
CA GLN C 74 -28.43 24.52 15.73
C GLN C 74 -29.00 23.24 15.13
N ALA C 75 -28.47 22.81 13.99
CA ALA C 75 -28.93 21.59 13.36
C ALA C 75 -28.55 20.40 14.26
N TRP C 76 -27.41 20.48 14.93
CA TRP C 76 -27.04 19.39 15.83
C TRP C 76 -28.01 19.31 17.02
N ALA C 77 -28.39 20.49 17.53
CA ALA C 77 -29.55 20.58 18.48
C ALA C 77 -30.84 19.94 17.94
N VAL C 78 -31.18 20.17 16.68
CA VAL C 78 -32.28 19.50 16.03
C VAL C 78 -32.07 17.96 16.05
N ALA C 79 -30.89 17.51 15.62
CA ALA C 79 -30.55 16.08 15.67
C ALA C 79 -30.72 15.50 17.04
N MET C 80 -30.31 16.24 18.07
CA MET C 80 -30.46 15.79 19.45
C MET C 80 -31.92 15.70 19.91
N ALA C 81 -32.67 16.78 19.77
CA ALA C 81 -34.13 16.81 20.04
C ALA C 81 -34.94 15.70 19.33
N LEU C 82 -34.61 15.44 18.06
CA LEU C 82 -35.27 14.40 17.30
C LEU C 82 -34.67 13.00 17.41
N GLY C 83 -33.53 12.87 18.09
CA GLY C 83 -32.84 11.56 18.23
C GLY C 83 -32.35 10.93 16.93
N VAL C 84 -31.88 11.79 16.02
CA VAL C 84 -31.46 11.34 14.68
C VAL C 84 -29.95 11.54 14.43
N GLU C 85 -29.19 11.71 15.52
CA GLU C 85 -27.77 12.01 15.45
C GLU C 85 -27.11 10.96 14.55
N ASP C 86 -27.48 9.70 14.71
CA ASP C 86 -26.89 8.63 13.90
C ASP C 86 -27.27 8.60 12.42
N LYS C 87 -28.40 9.18 12.04
CA LYS C 87 -28.74 9.25 10.62
C LYS C 87 -28.04 10.39 9.86
N VAL C 88 -27.62 11.44 10.58
CA VAL C 88 -27.19 12.65 9.88
C VAL C 88 -25.73 12.95 10.15
N THR C 89 -25.11 12.31 11.13
CA THR C 89 -23.72 12.65 11.36
C THR C 89 -22.84 12.58 10.08
N VAL C 90 -22.82 11.41 9.44
CA VAL C 90 -21.98 11.15 8.24
C VAL C 90 -22.31 12.07 7.05
N PRO C 91 -23.57 12.18 6.66
CA PRO C 91 -23.90 13.10 5.57
C PRO C 91 -23.60 14.58 5.85
N LEU C 92 -23.65 15.00 7.12
CA LEU C 92 -23.32 16.39 7.45
C LEU C 92 -21.80 16.59 7.30
N PHE C 93 -21.07 15.66 7.88
CA PHE C 93 -19.62 15.65 7.73
C PHE C 93 -19.22 15.57 6.26
N GLU C 94 -19.82 14.63 5.52
CA GLU C 94 -19.47 14.53 4.10
C GLU C 94 -19.81 15.79 3.29
N GLY C 95 -21.00 16.35 3.51
CA GLY C 95 -21.44 17.56 2.81
C GLY C 95 -20.65 18.81 3.12
N VAL C 96 -20.13 18.89 4.34
CA VAL C 96 -19.30 20.05 4.76
C VAL C 96 -17.87 19.93 4.22
N GLN C 97 -17.37 18.71 4.29
CA GLN C 97 -15.93 18.49 4.09
C GLN C 97 -15.57 17.87 2.74
N LYS C 98 -16.31 16.83 2.35
CA LYS C 98 -15.92 15.99 1.22
C LYS C 98 -16.46 16.58 -0.06
N THR C 99 -17.79 16.60 -0.19
CA THR C 99 -18.41 17.16 -1.39
C THR C 99 -18.49 18.66 -1.35
N GLN C 100 -18.34 19.23 -0.15
CA GLN C 100 -18.58 20.66 0.07
C GLN C 100 -19.91 21.19 -0.52
N THR C 101 -20.95 20.36 -0.46
CA THR C 101 -22.31 20.72 -0.91
C THR C 101 -23.10 21.51 0.17
N ILE C 102 -22.59 21.55 1.39
CA ILE C 102 -23.25 22.24 2.51
C ILE C 102 -22.56 23.55 2.77
N ARG C 103 -23.22 24.64 2.36
CA ARG C 103 -22.62 25.97 2.52
C ARG C 103 -23.59 26.93 3.11
N SER C 104 -24.86 26.52 3.14
CA SER C 104 -25.89 27.36 3.74
C SER C 104 -26.95 26.55 4.49
N ALA C 105 -27.82 27.22 5.26
CA ALA C 105 -28.74 26.51 6.17
C ALA C 105 -29.67 25.54 5.44
N SER C 106 -30.10 25.87 4.22
CA SER C 106 -31.01 24.98 3.53
C SER C 106 -30.28 23.72 3.06
N ASP C 107 -28.94 23.73 2.91
CA ASP C 107 -28.21 22.48 2.51
C ASP C 107 -28.23 21.51 3.68
N ILE C 108 -28.21 22.08 4.90
CA ILE C 108 -28.28 21.31 6.11
C ILE C 108 -29.63 20.64 6.14
N ARG C 109 -30.67 21.45 5.94
CA ARG C 109 -32.06 20.97 5.95
C ARG C 109 -32.22 19.82 4.92
N ASP C 110 -31.64 20.00 3.74
CA ASP C 110 -31.65 18.99 2.68
C ASP C 110 -31.09 17.70 3.15
N VAL C 111 -30.06 17.76 3.98
CA VAL C 111 -29.49 16.55 4.56
C VAL C 111 -30.47 15.81 5.46
N PHE C 112 -31.17 16.57 6.30
CA PHE C 112 -32.14 15.95 7.17
C PHE C 112 -33.27 15.27 6.38
N ILE C 113 -33.80 15.99 5.39
CA ILE C 113 -34.87 15.47 4.55
C ILE C 113 -34.42 14.14 3.91
N ASN C 114 -33.34 14.20 3.12
CA ASN C 114 -32.75 13.04 2.46
C ASN C 114 -32.51 11.91 3.42
N ALA C 115 -32.28 12.27 4.69
CA ALA C 115 -32.09 11.26 5.72
C ALA C 115 -33.40 10.64 6.23
N GLY C 116 -34.54 11.19 5.83
CA GLY C 116 -35.82 10.71 6.36
C GLY C 116 -36.63 11.67 7.23
N ILE C 117 -36.05 12.79 7.65
CA ILE C 117 -36.81 13.73 8.49
C ILE C 117 -37.80 14.51 7.62
N LYS C 118 -39.08 14.54 8.01
CA LYS C 118 -40.02 15.36 7.30
C LYS C 118 -39.63 16.83 7.43
N GLY C 119 -39.66 17.54 6.31
CA GLY C 119 -39.45 18.98 6.34
C GLY C 119 -40.18 19.72 7.45
N GLU C 120 -41.50 19.59 7.52
CA GLU C 120 -42.26 20.30 8.57
C GLU C 120 -41.82 19.94 10.01
N GLU C 121 -41.43 18.69 10.22
CA GLU C 121 -40.88 18.22 11.50
C GLU C 121 -39.49 18.88 11.77
N TYR C 122 -38.65 18.96 10.72
CA TYR C 122 -37.34 19.66 10.82
C TYR C 122 -37.54 21.13 11.21
N ASP C 123 -38.39 21.81 10.47
CA ASP C 123 -38.63 23.23 10.64
C ASP C 123 -39.18 23.56 12.01
N ALA C 124 -40.05 22.71 12.51
CA ALA C 124 -40.67 22.93 13.83
C ALA C 124 -39.59 22.79 14.92
N ALA C 125 -38.78 21.74 14.83
CA ALA C 125 -37.64 21.59 15.80
C ALA C 125 -36.66 22.72 15.65
N TRP C 126 -36.25 23.04 14.42
CA TRP C 126 -35.37 24.21 14.18
C TRP C 126 -35.85 25.46 14.94
N ASN C 127 -37.16 25.74 14.87
CA ASN C 127 -37.67 26.92 15.57
C ASN C 127 -38.07 26.71 17.06
N SER C 128 -37.86 25.52 17.61
CA SER C 128 -38.38 25.25 18.96
C SER C 128 -37.52 25.88 20.00
N PHE C 129 -38.11 26.14 21.17
CA PHE C 129 -37.35 26.60 22.31
C PHE C 129 -36.48 25.49 22.90
N VAL C 130 -36.86 24.23 22.76
CA VAL C 130 -35.97 23.11 23.16
C VAL C 130 -34.61 23.29 22.40
N VAL C 131 -34.69 23.50 21.10
CA VAL C 131 -33.49 23.62 20.27
C VAL C 131 -32.72 24.90 20.63
N LYS C 132 -33.44 25.97 20.89
CA LYS C 132 -32.79 27.21 21.31
C LYS C 132 -32.06 27.05 22.64
N SER C 133 -32.66 26.33 23.61
CA SER C 133 -31.97 26.04 24.88
C SER C 133 -30.79 25.07 24.65
N LEU C 134 -30.98 24.10 23.77
CA LEU C 134 -29.87 23.16 23.46
C LEU C 134 -28.66 23.81 22.83
N VAL C 135 -28.90 24.81 21.97
CA VAL C 135 -27.83 25.65 21.42
C VAL C 135 -27.07 26.39 22.51
N ALA C 136 -27.79 27.10 23.37
CA ALA C 136 -27.18 27.75 24.54
C ALA C 136 -26.43 26.79 25.43
N GLN C 137 -26.94 25.56 25.60
CA GLN C 137 -26.28 24.55 26.45
C GLN C 137 -24.97 24.06 25.85
N GLN C 138 -24.96 23.82 24.52
CA GLN C 138 -23.76 23.40 23.78
C GLN C 138 -22.71 24.48 23.94
N GLU C 139 -23.11 25.75 23.74
CA GLU C 139 -22.21 26.89 23.90
C GLU C 139 -21.66 27.08 25.32
N LYS C 140 -22.55 27.06 26.32
CA LYS C 140 -22.14 27.29 27.70
C LYS C 140 -21.16 26.20 28.20
N ALA C 141 -21.41 24.97 27.77
CA ALA C 141 -20.64 23.81 28.19
C ALA C 141 -19.19 23.93 27.68
N ALA C 142 -19.05 24.26 26.41
CA ALA C 142 -17.70 24.53 25.85
C ALA C 142 -16.95 25.63 26.58
N ALA C 143 -17.65 26.72 26.91
CA ALA C 143 -17.07 27.81 27.70
C ALA C 143 -16.75 27.38 29.16
N ASP C 144 -17.63 26.55 29.72
CA ASP C 144 -17.43 26.03 31.07
C ASP C 144 -16.17 25.17 31.24
N VAL C 145 -15.83 24.35 30.23
CA VAL C 145 -14.62 23.52 30.33
C VAL C 145 -13.42 24.23 29.71
N GLN C 146 -13.59 25.52 29.38
CA GLN C 146 -12.64 26.29 28.57
C GLN C 146 -12.06 25.47 27.42
N LEU C 147 -12.94 24.96 26.56
CA LEU C 147 -12.56 24.04 25.48
C LEU C 147 -11.51 24.65 24.55
N ARG C 148 -10.40 23.95 24.28
CA ARG C 148 -9.37 24.48 23.38
C ARG C 148 -9.28 23.75 22.03
N GLY C 149 -9.88 22.59 21.94
CA GLY C 149 -9.80 21.88 20.70
C GLY C 149 -10.76 20.72 20.73
N VAL C 150 -10.92 20.07 19.58
CA VAL C 150 -11.78 18.93 19.44
C VAL C 150 -10.98 17.95 18.60
N PRO C 151 -11.23 16.66 18.76
CA PRO C 151 -12.24 16.15 19.73
C PRO C 151 -11.80 16.34 21.17
N ALA C 152 -12.74 16.33 22.09
CA ALA C 152 -12.45 16.27 23.53
C ALA C 152 -13.62 15.53 24.22
N MET C 153 -13.34 14.94 25.39
CA MET C 153 -14.33 14.15 26.13
C MET C 153 -14.06 14.34 27.63
N PHE C 154 -15.17 14.63 28.35
CA PHE C 154 -15.17 15.02 29.75
C PHE C 154 -16.19 14.16 30.47
N VAL C 155 -15.88 13.79 31.71
CA VAL C 155 -16.76 12.91 32.51
C VAL C 155 -17.17 13.72 33.68
N ASN C 156 -18.49 13.82 33.89
CA ASN C 156 -19.08 14.51 35.05
C ASN C 156 -18.57 15.93 35.21
N GLY C 157 -18.19 16.59 34.07
CA GLY C 157 -17.63 17.97 34.06
C GLY C 157 -16.35 18.19 34.90
N LYS C 158 -15.61 17.09 35.13
CA LYS C 158 -14.45 17.08 36.08
C LYS C 158 -13.18 16.46 35.49
N TYR C 159 -13.30 15.45 34.63
CA TYR C 159 -12.13 14.75 34.11
C TYR C 159 -12.08 14.79 32.62
N GLN C 160 -10.97 15.26 32.04
CA GLN C 160 -10.80 15.22 30.58
C GLN C 160 -9.94 14.03 30.14
N LEU C 161 -10.49 13.16 29.31
CA LEU C 161 -9.77 12.04 28.71
C LEU C 161 -8.45 12.52 28.08
N ASN C 162 -7.35 11.78 28.30
CA ASN C 162 -6.07 12.16 27.69
C ASN C 162 -5.52 11.05 26.80
N PRO C 163 -5.82 11.12 25.49
CA PRO C 163 -5.45 10.06 24.55
C PRO C 163 -3.95 9.71 24.49
N GLN C 164 -3.10 10.74 24.54
CA GLN C 164 -1.64 10.58 24.52
C GLN C 164 -1.11 9.99 25.82
N GLY C 165 -2.01 9.71 26.78
CA GLY C 165 -1.65 8.90 27.94
C GLY C 165 -1.96 7.41 27.83
N MET C 166 -2.58 6.98 26.75
CA MET C 166 -2.85 5.56 26.57
C MET C 166 -1.83 4.97 25.60
N ASP C 167 -1.88 3.67 25.34
CA ASP C 167 -1.10 3.21 24.22
C ASP C 167 -1.89 3.20 22.93
N THR C 168 -1.34 3.99 22.02
CA THR C 168 -1.92 4.34 20.76
C THR C 168 -1.31 3.51 19.60
N SER C 169 -0.37 2.61 19.91
CA SER C 169 0.29 1.77 18.89
C SER C 169 -0.69 0.90 18.06
N ASN C 170 -1.81 0.52 18.69
CA ASN C 170 -2.84 -0.33 18.10
C ASN C 170 -4.22 0.26 18.34
N MET C 171 -5.12 0.12 17.36
CA MET C 171 -6.48 0.64 17.47
C MET C 171 -7.34 -0.09 18.51
N ASP C 172 -7.36 -1.41 18.45
CA ASP C 172 -8.22 -2.18 19.34
C ASP C 172 -7.80 -2.02 20.80
N VAL C 173 -6.49 -1.98 21.03
CA VAL C 173 -5.96 -1.71 22.38
C VAL C 173 -6.37 -0.29 22.77
N PHE C 174 -6.15 0.68 21.87
CA PHE C 174 -6.54 2.06 22.15
C PHE C 174 -7.98 2.22 22.57
N VAL C 175 -8.89 1.74 21.72
CA VAL C 175 -10.33 1.83 21.99
C VAL C 175 -10.64 1.23 23.37
N GLN C 176 -10.05 0.07 23.68
CA GLN C 176 -10.36 -0.60 24.94
C GLN C 176 -9.89 0.16 26.17
N GLN C 177 -8.72 0.77 26.10
CA GLN C 177 -8.19 1.54 27.21
C GLN C 177 -8.92 2.89 27.40
N TYR C 178 -9.43 3.43 26.27
CA TYR C 178 -10.21 4.66 26.29
C TYR C 178 -11.59 4.33 26.88
N ALA C 179 -12.24 3.28 26.38
CA ALA C 179 -13.52 2.90 26.95
C ALA C 179 -13.38 2.53 28.44
N ASP C 180 -12.37 1.72 28.77
CA ASP C 180 -12.01 1.46 30.18
C ASP C 180 -11.76 2.75 30.99
N THR C 181 -11.02 3.70 30.45
CA THR C 181 -10.73 4.93 31.20
C THR C 181 -12.03 5.71 31.47
N VAL C 182 -12.90 5.81 30.46
CA VAL C 182 -14.25 6.39 30.68
C VAL C 182 -15.08 5.70 31.78
N LYS C 183 -15.12 4.37 31.72
CA LYS C 183 -15.77 3.55 32.75
C LYS C 183 -15.19 3.87 34.13
N TYR C 184 -13.86 3.79 34.22
CA TYR C 184 -13.17 4.13 35.47
C TYR C 184 -13.61 5.49 35.99
N LEU C 185 -13.43 6.52 35.15
CA LEU C 185 -13.75 7.89 35.52
C LEU C 185 -15.21 8.08 35.95
N SER C 186 -16.12 7.39 35.28
CA SER C 186 -17.56 7.48 35.58
C SER C 186 -17.96 7.01 36.99
N GLU C 187 -17.12 6.20 37.64
CA GLU C 187 -17.41 5.70 39.00
C GLU C 187 -16.51 6.42 40.00
N LYS C 188 -15.92 7.53 39.55
CA LYS C 188 -15.11 8.44 40.38
C LYS C 188 -13.64 8.37 39.93
N ALA D 1 -1.27 -8.09 -5.03
CA ALA D 1 -0.33 -7.17 -4.31
C ALA D 1 -0.54 -5.65 -4.48
N GLN D 2 0.60 -4.96 -4.61
CA GLN D 2 0.83 -3.61 -4.15
C GLN D 2 -0.05 -2.47 -4.73
N TYR D 3 0.53 -1.58 -5.56
CA TYR D 3 0.15 -0.14 -5.49
C TYR D 3 -1.22 0.48 -5.80
N GLU D 4 -1.82 0.18 -6.93
CA GLU D 4 -3.13 0.73 -7.27
C GLU D 4 -3.44 2.25 -7.06
N ASP D 5 -3.70 2.86 -8.19
CA ASP D 5 -4.30 4.15 -8.24
C ASP D 5 -5.64 4.04 -7.57
N GLY D 6 -5.90 4.95 -6.64
CA GLY D 6 -7.12 4.93 -5.86
C GLY D 6 -7.00 4.26 -4.50
N LYS D 7 -5.92 3.52 -4.25
CA LYS D 7 -5.87 2.86 -2.97
C LYS D 7 -4.89 3.58 -2.04
N GLN D 8 -3.59 3.40 -2.24
CA GLN D 8 -2.62 4.06 -1.35
C GLN D 8 -2.42 5.55 -1.72
N TYR D 9 -2.94 5.94 -2.89
CA TYR D 9 -2.67 7.27 -3.43
C TYR D 9 -3.74 7.53 -4.48
N THR D 10 -3.93 8.78 -4.83
CA THR D 10 -4.81 9.09 -5.97
C THR D 10 -4.05 9.99 -6.92
N THR D 11 -4.51 10.04 -8.17
CA THR D 11 -3.83 10.76 -9.23
C THR D 11 -4.58 12.05 -9.59
N LEU D 12 -3.87 13.16 -9.54
CA LEU D 12 -4.49 14.46 -9.82
C LEU D 12 -4.85 14.50 -11.29
N GLU D 13 -6.09 14.87 -11.57
CA GLU D 13 -6.54 15.02 -12.96
C GLU D 13 -5.71 16.08 -13.72
N LYS D 14 -5.30 17.15 -13.02
CA LYS D 14 -4.25 18.10 -13.50
C LYS D 14 -3.06 18.30 -12.55
N PRO D 15 -1.98 17.59 -12.86
CA PRO D 15 -0.76 17.75 -12.11
C PRO D 15 -0.30 19.20 -12.09
N VAL D 16 0.29 19.57 -10.98
CA VAL D 16 0.75 20.90 -10.70
C VAL D 16 2.20 20.98 -11.20
N ALA D 17 2.42 21.74 -12.28
CA ALA D 17 3.80 21.94 -12.76
C ALA D 17 4.61 22.82 -11.82
N GLY D 18 5.87 22.42 -11.61
CA GLY D 18 6.79 23.15 -10.73
C GLY D 18 6.62 22.92 -9.25
N ALA D 19 5.82 21.90 -8.88
CA ALA D 19 5.60 21.57 -7.46
C ALA D 19 6.88 21.02 -6.86
N PRO D 20 7.03 21.17 -5.55
CA PRO D 20 8.09 20.50 -4.83
C PRO D 20 7.96 19.01 -4.99
N GLN D 21 9.09 18.30 -4.79
CA GLN D 21 9.11 16.87 -4.96
C GLN D 21 8.15 16.23 -3.95
N VAL D 22 8.25 16.63 -2.68
CA VAL D 22 7.28 16.20 -1.62
C VAL D 22 6.69 17.43 -0.92
N LEU D 23 5.37 17.61 -1.13
CA LEU D 23 4.71 18.77 -0.58
C LEU D 23 3.63 18.37 0.42
N GLU D 24 3.81 18.80 1.68
CA GLU D 24 2.86 18.55 2.74
C GLU D 24 2.22 19.90 3.07
N PHE D 25 0.89 19.89 3.26
CA PHE D 25 0.16 21.06 3.68
C PHE D 25 -0.28 20.88 5.13
N PHE D 26 -0.27 21.97 5.88
CA PHE D 26 -0.69 21.98 7.30
C PHE D 26 -1.37 23.31 7.66
N SER D 27 -2.08 23.34 8.80
CA SER D 27 -2.58 24.59 9.33
C SER D 27 -2.26 24.61 10.79
N PHE D 28 -1.83 25.76 11.30
CA PHE D 28 -1.75 25.91 12.77
C PHE D 28 -3.07 25.81 13.54
N PHE D 29 -4.17 25.88 12.82
CA PHE D 29 -5.50 25.82 13.45
C PHE D 29 -6.12 24.42 13.54
N CYS D 30 -5.73 23.50 12.69
CA CYS D 30 -6.38 22.18 12.57
C CYS D 30 -5.40 21.17 11.97
N PRO D 31 -5.31 19.92 12.47
CA PRO D 31 -6.14 19.39 13.60
C PRO D 31 -5.68 19.92 14.99
N HIS D 32 -6.28 19.43 16.08
CA HIS D 32 -6.03 20.05 17.39
C HIS D 32 -5.16 19.16 18.33
N ALA D 33 -4.53 19.77 19.33
CA ALA D 33 -3.71 19.03 20.31
C ALA D 33 -3.07 17.74 19.80
N TYR D 34 -3.45 16.58 20.35
CA TYR D 34 -2.80 15.29 20.04
C TYR D 34 -2.79 14.94 18.56
N GLN D 35 -3.87 15.28 17.85
CA GLN D 35 -3.90 14.90 16.46
C GLN D 35 -2.92 15.71 15.59
N PHE D 36 -2.58 16.89 16.07
CA PHE D 36 -1.62 17.76 15.37
C PHE D 36 -0.24 17.11 15.61
N GLU D 37 0.02 16.78 16.87
CA GLU D 37 1.30 16.18 17.26
C GLU D 37 1.48 14.81 16.55
N GLU D 38 0.45 13.98 16.57
CA GLU D 38 0.48 12.74 15.84
C GLU D 38 0.91 12.94 14.39
N VAL D 39 0.42 14.00 13.72
CA VAL D 39 0.76 14.24 12.32
C VAL D 39 2.21 14.72 12.20
N LEU D 40 2.63 15.54 13.15
CA LEU D 40 4.01 16.04 13.22
C LEU D 40 5.00 14.88 13.34
N HIS D 41 4.71 13.96 14.27
CA HIS D 41 5.51 12.74 14.41
C HIS D 41 5.48 11.81 13.17
N ILE D 42 4.33 11.66 12.54
CA ILE D 42 4.24 10.84 11.31
C ILE D 42 5.12 11.40 10.18
N SER D 43 5.14 12.73 10.06
CA SER D 43 5.81 13.37 8.94
C SER D 43 7.31 13.14 9.07
N ASP D 44 7.79 13.09 10.32
CA ASP D 44 9.20 12.80 10.64
C ASP D 44 9.54 11.36 10.32
N ASN D 45 8.84 10.45 10.98
CA ASN D 45 8.99 9.06 10.66
C ASN D 45 8.95 8.75 9.14
N VAL D 46 8.36 9.64 8.33
CA VAL D 46 8.43 9.56 6.83
C VAL D 46 9.76 10.14 6.24
N LYS D 47 10.22 11.27 6.75
CA LYS D 47 11.48 11.86 6.33
C LYS D 47 12.55 10.74 6.42
N LYS D 48 12.50 10.02 7.54
CA LYS D 48 13.54 9.10 7.91
C LYS D 48 13.43 7.77 7.21
N LYS D 49 12.62 7.76 6.15
CA LYS D 49 12.62 6.65 5.22
C LYS D 49 13.15 7.09 3.86
N LEU D 50 13.53 8.37 3.77
CA LEU D 50 13.87 9.00 2.48
C LEU D 50 15.31 9.57 2.43
N PRO D 51 15.92 9.60 1.23
CA PRO D 51 17.31 10.10 1.01
C PRO D 51 17.55 11.54 1.46
N GLU D 52 18.77 11.83 1.90
CA GLU D 52 19.17 13.21 2.20
C GLU D 52 18.63 14.12 1.10
N GLY D 53 18.58 13.59 -0.12
CA GLY D 53 18.07 14.27 -1.32
C GLY D 53 16.57 14.57 -1.31
N VAL D 54 15.75 13.53 -1.55
CA VAL D 54 14.27 13.63 -1.52
C VAL D 54 13.82 14.68 -0.52
N LYS D 55 13.01 15.61 -1.00
CA LYS D 55 12.93 16.93 -0.37
C LYS D 55 11.54 17.32 0.25
N MET D 56 11.47 17.42 1.58
CA MET D 56 10.21 17.61 2.32
C MET D 56 9.77 19.06 2.54
N THR D 57 8.92 19.58 1.64
CA THR D 57 8.41 20.94 1.79
C THR D 57 7.06 20.93 2.51
N LYS D 58 6.87 21.91 3.37
CA LYS D 58 5.64 22.07 4.14
C LYS D 58 5.08 23.49 3.80
N TYR D 59 3.82 23.57 3.40
CA TYR D 59 3.12 24.86 3.21
C TYR D 59 1.98 25.06 4.24
N HIS D 60 1.86 26.29 4.74
CA HIS D 60 0.80 26.60 5.72
C HIS D 60 -0.46 26.98 4.95
N VAL D 61 -1.63 26.59 5.48
CA VAL D 61 -2.88 26.99 4.85
C VAL D 61 -3.85 27.56 5.88
N ASN D 62 -4.65 28.54 5.47
CA ASN D 62 -5.52 29.27 6.40
C ASN D 62 -6.93 28.82 6.07
N PHE D 63 -7.36 27.71 6.65
CA PHE D 63 -8.78 27.38 6.51
C PHE D 63 -9.42 28.22 7.63
N MET D 64 -10.26 29.17 7.22
CA MET D 64 -11.16 29.87 8.16
C MET D 64 -10.43 30.55 9.38
N GLY D 65 -9.20 31.01 9.21
CA GLY D 65 -8.46 31.58 10.33
C GLY D 65 -8.41 33.09 10.32
N GLY D 66 -9.01 33.68 9.27
CA GLY D 66 -9.14 35.15 9.07
C GLY D 66 -7.79 35.87 8.99
N ASP D 67 -7.70 37.08 9.58
CA ASP D 67 -6.42 37.83 9.64
C ASP D 67 -5.26 37.15 10.37
N LEU D 68 -5.53 36.47 11.49
CA LEU D 68 -4.46 35.78 12.20
C LEU D 68 -3.86 34.73 11.31
N GLY D 69 -4.73 33.96 10.66
CA GLY D 69 -4.34 32.84 9.84
C GLY D 69 -3.51 33.32 8.64
N LYS D 70 -3.83 34.52 8.16
CA LYS D 70 -3.11 35.18 7.10
C LYS D 70 -1.73 35.60 7.58
N ASP D 71 -1.65 36.20 8.78
CA ASP D 71 -0.36 36.50 9.40
C ASP D 71 0.50 35.26 9.66
N LEU D 72 -0.15 34.13 9.95
CA LEU D 72 0.51 32.84 10.10
C LEU D 72 1.07 32.25 8.80
N THR D 73 0.33 32.36 7.72
CA THR D 73 0.89 31.94 6.42
C THR D 73 2.14 32.81 6.12
N GLN D 74 2.01 34.10 6.35
CA GLN D 74 3.15 34.98 6.12
C GLN D 74 4.33 34.72 7.04
N ALA D 75 4.09 34.43 8.35
CA ALA D 75 5.15 34.03 9.28
C ALA D 75 5.78 32.71 8.87
N TRP D 76 5.00 31.79 8.28
CA TRP D 76 5.57 30.52 7.85
C TRP D 76 6.44 30.76 6.60
N ALA D 77 5.98 31.64 5.69
CA ALA D 77 6.85 32.13 4.62
C ALA D 77 8.17 32.64 5.18
N VAL D 78 8.09 33.47 6.22
CA VAL D 78 9.34 33.97 6.89
C VAL D 78 10.18 32.79 7.42
N ALA D 79 9.51 31.84 8.07
CA ALA D 79 10.19 30.65 8.59
C ALA D 79 10.99 29.89 7.50
N MET D 80 10.34 29.65 6.37
CA MET D 80 10.99 29.07 5.21
C MET D 80 12.13 29.93 4.66
N ALA D 81 11.90 31.22 4.55
CA ALA D 81 12.89 32.15 3.99
C ALA D 81 14.13 32.21 4.88
N LEU D 82 13.95 32.18 6.20
CA LEU D 82 15.04 32.15 7.10
C LEU D 82 15.60 30.76 7.44
N GLY D 83 14.90 29.69 7.10
CA GLY D 83 15.33 28.32 7.37
C GLY D 83 15.22 27.91 8.83
N VAL D 84 14.19 28.41 9.50
CA VAL D 84 14.03 28.22 10.96
C VAL D 84 12.70 27.51 11.30
N GLU D 85 12.18 26.74 10.36
CA GLU D 85 10.95 25.95 10.55
C GLU D 85 10.98 25.06 11.79
N ASP D 86 12.06 24.29 11.91
CA ASP D 86 12.34 23.49 13.12
C ASP D 86 12.42 24.26 14.44
N LYS D 87 12.68 25.57 14.39
CA LYS D 87 12.80 26.36 15.57
C LYS D 87 11.46 26.96 15.98
N VAL D 88 10.54 27.12 15.04
CA VAL D 88 9.31 27.86 15.36
C VAL D 88 8.07 26.99 15.35
N THR D 89 8.15 25.79 14.81
CA THR D 89 6.91 25.06 14.52
C THR D 89 6.13 24.84 15.85
N VAL D 90 6.83 24.32 16.85
CA VAL D 90 6.18 23.93 18.13
C VAL D 90 5.73 25.14 18.95
N PRO D 91 6.60 26.16 19.20
CA PRO D 91 6.14 27.44 19.79
C PRO D 91 4.93 28.10 19.09
N LEU D 92 4.90 28.14 17.75
CA LEU D 92 3.71 28.70 17.04
C LEU D 92 2.42 27.86 17.29
N PHE D 93 2.57 26.53 17.23
CA PHE D 93 1.48 25.60 17.45
C PHE D 93 0.96 25.71 18.88
N GLU D 94 1.86 25.76 19.84
CA GLU D 94 1.48 25.86 21.23
C GLU D 94 0.87 27.19 21.55
N GLY D 95 1.45 28.26 21.01
CA GLY D 95 0.97 29.62 21.25
C GLY D 95 -0.40 29.82 20.67
N VAL D 96 -0.65 29.26 19.49
CA VAL D 96 -1.94 29.30 18.86
C VAL D 96 -2.99 28.41 19.58
N GLN D 97 -2.62 27.15 19.86
CA GLN D 97 -3.56 26.12 20.33
C GLN D 97 -3.55 25.94 21.86
N LYS D 98 -2.38 25.91 22.46
CA LYS D 98 -2.33 25.45 23.83
C LYS D 98 -2.49 26.57 24.84
N THR D 99 -1.61 27.57 24.76
CA THR D 99 -1.64 28.72 25.64
C THR D 99 -2.48 29.87 25.12
N GLN D 100 -2.81 29.85 23.82
CA GLN D 100 -3.61 30.93 23.19
C GLN D 100 -2.98 32.31 23.42
N THR D 101 -1.65 32.35 23.36
CA THR D 101 -0.88 33.58 23.56
C THR D 101 -0.50 34.24 22.24
N ILE D 102 -0.80 33.59 21.13
CA ILE D 102 -0.63 34.20 19.81
C ILE D 102 -1.98 34.66 19.32
N ARG D 103 -2.19 35.99 19.35
CA ARG D 103 -3.43 36.54 18.85
C ARG D 103 -3.26 37.62 17.77
N SER D 104 -2.05 38.13 17.60
CA SER D 104 -1.76 39.18 16.64
C SER D 104 -0.43 38.91 15.95
N ALA D 105 -0.12 39.68 14.93
CA ALA D 105 1.20 39.65 14.25
C ALA D 105 2.34 39.92 15.21
N SER D 106 2.12 40.84 16.14
CA SER D 106 3.11 41.10 17.15
C SER D 106 3.48 39.88 18.03
N ASP D 107 2.50 39.08 18.44
CA ASP D 107 2.71 37.88 19.22
C ASP D 107 3.49 36.85 18.43
N ILE D 108 3.22 36.75 17.13
CA ILE D 108 4.01 35.88 16.23
C ILE D 108 5.44 36.33 16.16
N ARG D 109 5.66 37.65 16.01
CA ARG D 109 7.04 38.14 15.97
C ARG D 109 7.80 37.81 17.26
N ASP D 110 7.14 37.97 18.43
CA ASP D 110 7.67 37.52 19.72
C ASP D 110 8.18 36.09 19.79
N VAL D 111 7.37 35.17 19.32
CA VAL D 111 7.79 33.75 19.15
C VAL D 111 9.11 33.56 18.34
N PHE D 112 9.25 34.25 17.22
CA PHE D 112 10.53 34.15 16.44
C PHE D 112 11.68 34.74 17.23
N ILE D 113 11.43 35.88 17.86
CA ILE D 113 12.48 36.48 18.68
C ILE D 113 12.88 35.56 19.86
N ASN D 114 11.89 35.09 20.63
CA ASN D 114 12.13 34.16 21.72
C ASN D 114 12.77 32.83 21.29
N ALA D 115 12.63 32.46 20.03
CA ALA D 115 13.32 31.30 19.53
C ALA D 115 14.67 31.61 18.88
N GLY D 116 15.15 32.85 18.99
CA GLY D 116 16.48 33.22 18.49
C GLY D 116 16.67 34.00 17.20
N ILE D 117 15.56 34.35 16.51
CA ILE D 117 15.63 35.19 15.29
C ILE D 117 15.69 36.66 15.70
N LYS D 118 16.72 37.36 15.23
CA LYS D 118 16.83 38.80 15.46
C LYS D 118 15.61 39.52 14.87
N GLY D 119 15.04 40.45 15.65
CA GLY D 119 13.82 41.15 15.21
C GLY D 119 14.03 41.89 13.89
N GLU D 120 15.23 42.41 13.67
CA GLU D 120 15.48 43.13 12.44
C GLU D 120 15.54 42.19 11.20
N GLU D 121 16.03 40.94 11.36
CA GLU D 121 15.96 39.93 10.29
C GLU D 121 14.53 39.42 10.08
N TYR D 122 13.78 39.25 11.17
CA TYR D 122 12.34 38.91 11.04
C TYR D 122 11.59 39.96 10.18
N ASP D 123 11.77 41.25 10.51
CA ASP D 123 11.05 42.31 9.85
C ASP D 123 11.49 42.47 8.41
N ALA D 124 12.78 42.30 8.13
CA ALA D 124 13.23 42.47 6.77
C ALA D 124 12.66 41.31 5.95
N ALA D 125 12.60 40.10 6.52
CA ALA D 125 11.96 38.99 5.82
C ALA D 125 10.45 39.22 5.63
N TRP D 126 9.76 39.61 6.71
CA TRP D 126 8.34 39.90 6.72
C TRP D 126 8.00 40.76 5.53
N ASN D 127 8.78 41.82 5.30
CA ASN D 127 8.46 42.78 4.25
C ASN D 127 9.12 42.47 2.91
N SER D 128 9.82 41.35 2.79
CA SER D 128 10.63 41.02 1.59
C SER D 128 9.83 40.53 0.38
N PHE D 129 10.40 40.68 -0.81
CA PHE D 129 9.83 40.12 -2.03
C PHE D 129 9.69 38.60 -1.97
N VAL D 130 10.71 37.92 -1.47
CA VAL D 130 10.67 36.47 -1.34
C VAL D 130 9.47 36.01 -0.51
N VAL D 131 9.19 36.73 0.59
CA VAL D 131 8.10 36.33 1.47
C VAL D 131 6.77 36.66 0.79
N LYS D 132 6.68 37.80 0.12
CA LYS D 132 5.47 38.04 -0.68
C LYS D 132 5.23 36.90 -1.66
N SER D 133 6.30 36.46 -2.29
CA SER D 133 6.25 35.47 -3.33
C SER D 133 5.87 34.12 -2.73
N LEU D 134 6.39 33.81 -1.56
CA LEU D 134 6.10 32.56 -0.85
C LEU D 134 4.68 32.43 -0.36
N VAL D 135 4.11 33.54 0.08
CA VAL D 135 2.71 33.61 0.47
C VAL D 135 1.83 33.24 -0.74
N ALA D 136 2.05 33.90 -1.89
CA ALA D 136 1.35 33.57 -3.17
C ALA D 136 1.53 32.12 -3.63
N GLN D 137 2.76 31.58 -3.52
CA GLN D 137 3.06 30.19 -3.85
C GLN D 137 2.28 29.19 -2.95
N GLN D 138 2.22 29.48 -1.65
CA GLN D 138 1.52 28.62 -0.69
C GLN D 138 0.01 28.65 -0.99
N GLU D 139 -0.55 29.86 -1.16
CA GLU D 139 -1.94 29.99 -1.62
C GLU D 139 -2.25 29.30 -2.95
N LYS D 140 -1.41 29.53 -3.96
CA LYS D 140 -1.65 28.93 -5.29
C LYS D 140 -1.56 27.40 -5.32
N ALA D 141 -0.62 26.84 -4.55
CA ALA D 141 -0.46 25.42 -4.46
C ALA D 141 -1.71 24.75 -3.92
N ALA D 142 -2.24 25.28 -2.81
CA ALA D 142 -3.47 24.74 -2.18
C ALA D 142 -4.68 24.86 -3.13
N ALA D 143 -4.78 25.98 -3.86
CA ALA D 143 -5.84 26.06 -4.88
C ALA D 143 -5.66 25.06 -6.03
N ASP D 144 -4.44 24.86 -6.49
CA ASP D 144 -4.18 24.04 -7.64
C ASP D 144 -4.43 22.57 -7.39
N VAL D 145 -4.24 22.13 -6.13
CA VAL D 145 -4.52 20.74 -5.80
C VAL D 145 -5.97 20.58 -5.30
N GLN D 146 -6.71 21.68 -5.27
CA GLN D 146 -8.07 21.80 -4.73
C GLN D 146 -8.14 21.18 -3.35
N LEU D 147 -7.30 21.69 -2.47
CA LEU D 147 -7.10 21.14 -1.13
C LEU D 147 -8.39 21.29 -0.30
N ARG D 148 -8.84 20.21 0.33
CA ARG D 148 -10.10 20.23 1.09
C ARG D 148 -9.87 19.99 2.57
N GLY D 149 -8.64 19.63 2.94
CA GLY D 149 -8.36 19.45 4.34
C GLY D 149 -6.89 19.19 4.56
N VAL D 150 -6.49 19.31 5.81
CA VAL D 150 -5.13 19.10 6.25
C VAL D 150 -5.18 18.13 7.40
N PRO D 151 -4.17 17.29 7.56
CA PRO D 151 -2.95 17.28 6.71
C PRO D 151 -3.18 16.68 5.34
N ALA D 152 -2.30 17.00 4.39
CA ALA D 152 -2.29 16.37 3.05
C ALA D 152 -0.84 16.25 2.52
N MET D 153 -0.59 15.31 1.60
CA MET D 153 0.77 15.14 1.01
C MET D 153 0.71 14.84 -0.49
N PHE D 154 1.51 15.55 -1.27
CA PHE D 154 1.56 15.37 -2.69
C PHE D 154 2.99 15.10 -3.13
N VAL D 155 3.10 14.16 -4.05
CA VAL D 155 4.40 13.83 -4.62
C VAL D 155 4.47 14.35 -6.05
N ASN D 156 5.45 15.22 -6.29
CA ASN D 156 5.72 15.77 -7.61
C ASN D 156 4.55 16.42 -8.28
N GLY D 157 3.70 17.07 -7.47
CA GLY D 157 2.45 17.65 -7.95
C GLY D 157 1.47 16.78 -8.70
N LYS D 158 1.50 15.46 -8.44
CA LYS D 158 0.76 14.50 -9.27
C LYS D 158 -0.02 13.47 -8.46
N TYR D 159 0.57 13.06 -7.33
CA TYR D 159 0.04 11.91 -6.58
C TYR D 159 -0.23 12.36 -5.18
N GLN D 160 -1.50 12.19 -4.78
CA GLN D 160 -1.95 12.58 -3.45
C GLN D 160 -2.00 11.33 -2.61
N LEU D 161 -1.34 11.42 -1.45
CA LEU D 161 -1.24 10.26 -0.59
C LEU D 161 -2.63 9.95 -0.05
N ASN D 162 -2.95 8.67 0.15
CA ASN D 162 -4.29 8.28 0.66
C ASN D 162 -4.17 7.33 1.85
N PRO D 163 -4.03 7.89 3.06
CA PRO D 163 -3.90 7.10 4.31
C PRO D 163 -5.07 6.13 4.56
N GLN D 164 -6.28 6.48 4.08
CA GLN D 164 -7.44 5.57 4.18
C GLN D 164 -7.29 4.32 3.27
N GLY D 165 -6.28 4.33 2.40
CA GLY D 165 -6.02 3.21 1.49
C GLY D 165 -4.96 2.28 2.03
N MET D 166 -4.58 2.56 3.27
CA MET D 166 -3.49 1.90 3.96
C MET D 166 -3.97 1.20 5.23
N ASP D 167 -3.17 0.25 5.67
CA ASP D 167 -3.43 -0.51 6.87
C ASP D 167 -3.28 0.40 8.09
N THR D 168 -4.42 0.77 8.66
CA THR D 168 -4.49 1.77 9.73
C THR D 168 -4.58 1.20 11.15
N SER D 169 -4.81 -0.11 11.27
CA SER D 169 -4.88 -0.80 12.57
C SER D 169 -3.61 -0.73 13.47
N ASN D 170 -2.40 -0.78 12.90
CA ASN D 170 -1.17 -0.58 13.66
C ASN D 170 -0.46 0.66 13.16
N MET D 171 0.17 1.43 14.06
CA MET D 171 0.91 2.65 13.70
C MET D 171 2.20 2.42 12.94
N ASP D 172 2.98 1.44 13.42
CA ASP D 172 4.21 1.01 12.78
C ASP D 172 4.04 0.56 11.35
N VAL D 173 3.08 -0.34 11.11
CA VAL D 173 2.68 -0.76 9.76
C VAL D 173 2.16 0.43 8.94
N PHE D 174 1.31 1.27 9.56
CA PHE D 174 0.76 2.45 8.88
C PHE D 174 1.88 3.37 8.34
N VAL D 175 2.81 3.77 9.20
CA VAL D 175 3.80 4.76 8.82
C VAL D 175 4.75 4.21 7.76
N GLN D 176 5.10 2.94 7.91
CA GLN D 176 5.98 2.35 6.95
C GLN D 176 5.31 2.15 5.59
N GLN D 177 4.04 1.68 5.57
CA GLN D 177 3.23 1.68 4.33
C GLN D 177 3.18 3.10 3.69
N TYR D 178 3.02 4.12 4.54
CA TYR D 178 2.93 5.52 4.12
C TYR D 178 4.22 5.98 3.48
N ALA D 179 5.32 5.98 4.27
CA ALA D 179 6.69 6.24 3.79
C ALA D 179 7.08 5.51 2.49
N ASP D 180 6.77 4.22 2.41
CA ASP D 180 7.13 3.42 1.23
C ASP D 180 6.33 3.90 0.02
N THR D 181 5.10 4.35 0.29
CA THR D 181 4.27 4.87 -0.79
C THR D 181 4.87 6.16 -1.31
N VAL D 182 5.35 6.98 -0.39
CA VAL D 182 6.05 8.20 -0.81
C VAL D 182 7.26 7.87 -1.72
N LYS D 183 8.12 6.95 -1.26
CA LYS D 183 9.29 6.60 -2.05
C LYS D 183 8.85 6.06 -3.41
N TYR D 184 7.89 5.15 -3.43
CA TYR D 184 7.39 4.59 -4.67
C TYR D 184 6.89 5.67 -5.67
N LEU D 185 6.11 6.61 -5.14
CA LEU D 185 5.59 7.68 -5.96
C LEU D 185 6.73 8.62 -6.47
N SER D 186 7.68 8.92 -5.59
CA SER D 186 8.86 9.72 -5.95
C SER D 186 9.66 9.18 -7.16
N GLU D 187 9.39 7.93 -7.58
CA GLU D 187 9.95 7.40 -8.83
C GLU D 187 8.96 7.62 -9.95
N LYS D 188 7.77 7.04 -9.79
CA LYS D 188 6.75 7.03 -10.84
C LYS D 188 6.96 8.04 -11.98
C50 PE5 E . 16.51 -24.80 -18.91
O1 PE5 E . 16.17 -26.03 -18.26
C1 PE5 E . 14.77 -26.22 -18.02
C2 PE5 E . 14.51 -26.57 -16.56
O2 PE5 E . 13.12 -26.72 -16.25
C3 PE5 E . 12.90 -27.00 -14.84
C4 PE5 E . 12.42 -28.44 -14.60
O3 PE5 E . 13.04 -29.16 -13.50
C5 PE5 E . 12.75 -30.58 -13.50
C6 PE5 E . 13.71 -31.34 -12.58
O4 PE5 E . 13.07 -32.39 -11.81
C7 PE5 E . 13.93 -33.32 -11.13
C8 PE5 E . 14.14 -33.11 -9.61
O5 PE5 E . 13.02 -32.65 -8.83
C9 PE5 E . 13.43 -31.78 -7.74
C10 PE5 E . 12.29 -30.98 -7.09
O6 PE5 E . 11.95 -29.78 -7.81
C11 PE5 E . 10.63 -29.27 -7.52
C12 PE5 E . 10.57 -27.73 -7.64
O7 PE5 E . 10.00 -27.11 -6.48
C13 PE5 E . 8.83 -26.30 -6.74
C14 PE5 E . 8.48 -25.45 -5.51
O8 PE5 E . 7.20 -25.79 -4.96
C15 PE5 E . 6.82 -24.96 -3.88
C50 PE5 F . -11.76 10.47 20.54
O1 PE5 F . -10.51 9.86 20.15
C1 PE5 F . -9.37 10.74 20.16
C2 PE5 F . -8.56 10.63 18.87
O2 PE5 F . -7.15 10.48 19.09
C3 PE5 F . -6.53 9.60 18.14
C4 PE5 F . -5.66 8.54 18.82
O3 PE5 F . -4.91 7.76 17.87
C5 PE5 F . -5.40 6.42 17.71
C6 PE5 F . -4.23 5.43 17.74
O4 PE5 F . -4.33 4.42 16.72
C7 PE5 F . -3.17 4.35 15.89
C8 PE5 F . -3.47 3.54 14.61
O5 PE5 F . -2.71 4.02 13.50
C9 PE5 F . -3.43 4.86 12.57
C10 PE5 F . -2.61 6.07 12.13
O6 PE5 F . -3.46 7.02 11.47
C11 PE5 F . -3.17 8.40 11.80
C12 PE5 F . -3.48 9.36 10.64
O7 PE5 F . -2.67 10.55 10.63
C13 PE5 F . -3.03 11.45 9.58
C14 PE5 F . -2.25 11.31 8.23
O8 PE5 F . -0.83 11.47 8.36
C15 PE5 F . -0.24 12.45 7.47
#